data_9IVG
#
_entry.id   9IVG
#
_cell.length_a   1.00
_cell.length_b   1.00
_cell.length_c   1.00
_cell.angle_alpha   90.00
_cell.angle_beta   90.00
_cell.angle_gamma   90.00
#
_symmetry.space_group_name_H-M   'P 1'
#
loop_
_entity.id
_entity.type
_entity.pdbx_description
1 polymer GLP-1(9-36)
2 polymer 'Glucagon-like peptide 1 receptor'
3 polymer 'Guanine nucleotide-binding protein G(i) subunit alpha-1,Guanine nucleotide-binding protein G(s) subunit alpha isoforms short'
4 polymer 'Guanine nucleotide-binding protein G(I)/G(S)/G(T) subunit beta-1'
5 polymer 'Guanine nucleotide-binding protein G(I)/G(S)/G(O) subunit gamma-2'
6 polymer Nanobody-35
#
loop_
_entity_poly.entity_id
_entity_poly.type
_entity_poly.pdbx_seq_one_letter_code
_entity_poly.pdbx_strand_id
1 'polypeptide(L)' EGTFTSDVSSYLEGQAAKEFIAWLVKGR P
2 'polypeptide(L)'
;RPQGATVSLWETVQKWREYRRQCQRSLTEDPPPATDLFCNRTFDEYACWPDGEPGSFVNVSCPWYLPWASSVPQGHVYRF
CTAEGLWLQKDNSSLPWRDLSECEESKRGERSSPEEQLLFLYIIYTVGYALSFSALVIASAILLGFRHLHCTRNYIHLNL
FASFILRALSVFIKDAALKWMYSTAAQQHQWDGLLSYQDSLSCRLVFLLMQYCVAANYYWLLVEGVYLYTLLAFSVLSEQ
WIFRLYVSIGWGVPLLFVVPWGIVKYLYEDEGCWTRNSNMNYWLIIRLPILFAIGVNFLIFVRVICIVVSKLKANLMCKT
DIKCRLAKSTLTLIPLLGTHEVIFAFVMDEHARGTLRFIKLFTELSFTSFQGLMVAILYCFVNNEVQLEFRKSWERWRLE
HLHIQRDSSMKPLKCPTSSLSSGATAGSSMYTATCQASCS
;
R
3 'polypeptide(L)'
;MGCTLSAEDKAAVERSKMIEKQLQKDKQVYRATHRLLLLGADNSGKSTIVKQMRIYHVNGYSEEECKQYKAVVYSNTIQS
IIAIIRAMGRLKIDFGDSARADDARQLFVLAGAAEEGFMTAELAGVIKRLWKDSGVQACFNRSREYQLNDSAAYYLNDLD
RIAQPNYIPTQQDVLRTRVKTSGIFETKFQVDKVNFHMFDVGAQRDERRKWIQCFNDVTAIIFVVDSSDYNRLQEALNDF
KSIWNNRWLRTISVILFLNKQDLLAEKVLAGKSKIEDYFPEFARYTTPEDATPEPGEDPRVTRAKYFIRDEFLRISTASG
DGRHYCYPHFTCSVDTENARRIFNDCRDIIQRMHLRQYELL
;
A
4 'polypeptide(L)'
;MGSLLQSELDQLRQEAEQLKNQIRDARKACADATLSQITNNIDPVGRIQMRTRRTLRGHLAKIYAMHWGTDSRLLVSASQ
DGKLIIWDSYTTNKVHAIPLRSSWVMTCAYAPSGNYVACGGLDNICSIYNLKTREGNVRVSRELAGHTGYLSCCRFLDDN
QIVTSSGDTTCALWDIETGQQTTTFTGHTGDVMSLSLAPDTRLFVSGACDASAKLWDVREGMCRQTFTGHESDINAICFF
PNGNAFATGSDDATCRLFDLRADQELMTYSHDNIICGITSVSFSKSGRLLLAGYDDFNCNVWDALKADRAGVLAGHDNRV
SCLGVTDDGMAVATGSWDSFLKIWN
;
B
5 'polypeptide(L)' ASNNTASIAQARKLVEQLKMEANIDRIKVSKAAADLMAYCEAHAKEDPLLTPVPASENPFREKKFFCAIL G
6 'polypeptide(L)'
;MAQVQLQESGGGLVQPGGSLRLSCAASGFTFSNYKMNWVRQAPGKGLEWVSDISQSGASISYTGSVKGRFTISRDNAKNT
LYLQMNSLKPEDTAVYYCARCPAPFTRDCFDVTSTTYAYRGQGTQVTVSSHHHHHHEPEA
;
N
#
# COMPACT_ATOMS: atom_id res chain seq x y z
N GLU A 1 -31.77 -13.47 -26.93
CA GLU A 1 -32.66 -12.39 -26.50
C GLU A 1 -34.10 -12.64 -26.94
N GLY A 2 -34.29 -12.80 -28.24
CA GLY A 2 -35.62 -12.97 -28.80
C GLY A 2 -36.19 -14.37 -28.73
N THR A 3 -35.46 -15.32 -28.15
CA THR A 3 -35.95 -16.70 -28.09
C THR A 3 -37.20 -16.81 -27.23
N PHE A 4 -37.15 -16.30 -26.00
CA PHE A 4 -38.26 -16.46 -25.08
C PHE A 4 -39.50 -15.75 -25.58
N THR A 5 -39.36 -14.50 -26.05
CA THR A 5 -40.53 -13.77 -26.52
C THR A 5 -41.14 -14.40 -27.77
N SER A 6 -40.30 -14.90 -28.68
CA SER A 6 -40.83 -15.57 -29.86
C SER A 6 -41.58 -16.86 -29.49
N ASP A 7 -41.00 -17.66 -28.59
CA ASP A 7 -41.68 -18.87 -28.15
C ASP A 7 -43.00 -18.55 -27.47
N VAL A 8 -43.00 -17.53 -26.60
CA VAL A 8 -44.22 -17.16 -25.89
C VAL A 8 -45.27 -16.64 -26.86
N SER A 9 -44.86 -15.84 -27.85
CA SER A 9 -45.80 -15.33 -28.84
C SER A 9 -46.41 -16.46 -29.67
N SER A 10 -45.58 -17.42 -30.09
CA SER A 10 -46.10 -18.56 -30.84
C SER A 10 -47.08 -19.37 -30.01
N TYR A 11 -46.72 -19.64 -28.74
CA TYR A 11 -47.63 -20.36 -27.86
C TYR A 11 -48.92 -19.59 -27.66
N LEU A 12 -48.84 -18.28 -27.50
CA LEU A 12 -50.02 -17.47 -27.25
C LEU A 12 -50.96 -17.48 -28.45
N GLU A 13 -50.43 -17.25 -29.65
CA GLU A 13 -51.29 -17.26 -30.83
C GLU A 13 -51.87 -18.65 -31.07
N GLY A 14 -51.06 -19.70 -30.89
CA GLY A 14 -51.58 -21.04 -31.06
C GLY A 14 -52.69 -21.38 -30.08
N GLN A 15 -52.52 -21.01 -28.81
CA GLN A 15 -53.54 -21.28 -27.81
C GLN A 15 -54.80 -20.48 -28.08
N ALA A 16 -54.66 -19.20 -28.43
CA ALA A 16 -55.82 -18.37 -28.72
C ALA A 16 -56.58 -18.89 -29.94
N ALA A 17 -55.86 -19.40 -30.93
CA ALA A 17 -56.52 -19.98 -32.09
C ALA A 17 -57.23 -21.28 -31.73
N LYS A 18 -56.52 -22.21 -31.10
CA LYS A 18 -57.07 -23.54 -30.87
C LYS A 18 -58.24 -23.50 -29.90
N GLU A 19 -58.15 -22.68 -28.85
CA GLU A 19 -59.19 -22.68 -27.83
C GLU A 19 -60.48 -22.02 -28.31
N PHE A 20 -60.36 -20.94 -29.08
CA PHE A 20 -61.54 -20.17 -29.48
C PHE A 20 -61.92 -20.40 -30.95
N ILE A 21 -60.96 -20.25 -31.86
CA ILE A 21 -61.24 -20.20 -33.31
C ILE A 21 -62.28 -19.13 -33.61
N SER B 8 -40.77 -8.98 -31.35
CA SER B 8 -41.10 -9.65 -30.10
C SER B 8 -42.61 -9.83 -29.96
N LEU B 9 -43.04 -10.27 -28.77
CA LEU B 9 -44.46 -10.51 -28.53
C LEU B 9 -45.27 -9.22 -28.65
N TRP B 10 -44.73 -8.12 -28.14
CA TRP B 10 -45.46 -6.86 -28.14
C TRP B 10 -45.77 -6.39 -29.56
N GLU B 11 -44.80 -6.50 -30.47
CA GLU B 11 -45.02 -6.10 -31.86
C GLU B 11 -46.06 -7.00 -32.52
N THR B 12 -46.01 -8.30 -32.27
CA THR B 12 -46.99 -9.21 -32.86
C THR B 12 -48.40 -8.89 -32.37
N VAL B 13 -48.53 -8.61 -31.07
CA VAL B 13 -49.85 -8.25 -30.54
C VAL B 13 -50.33 -6.95 -31.16
N GLN B 14 -49.44 -5.96 -31.29
CA GLN B 14 -49.84 -4.68 -31.90
C GLN B 14 -50.28 -4.87 -33.35
N LYS B 15 -49.56 -5.72 -34.10
CA LYS B 15 -49.99 -6.04 -35.45
C LYS B 15 -51.36 -6.69 -35.44
N TRP B 16 -51.63 -7.56 -34.46
CA TRP B 16 -52.95 -8.18 -34.36
C TRP B 16 -54.02 -7.12 -34.13
N ARG B 17 -53.77 -6.16 -33.24
CA ARG B 17 -54.76 -5.11 -33.00
C ARG B 17 -54.99 -4.27 -34.24
N GLU B 18 -53.92 -3.93 -34.97
CA GLU B 18 -54.09 -3.16 -36.20
C GLU B 18 -54.92 -3.92 -37.23
N TYR B 19 -54.58 -5.20 -37.45
CA TYR B 19 -55.31 -6.01 -38.41
C TYR B 19 -56.78 -6.15 -38.00
N ARG B 20 -57.03 -6.35 -36.71
CA ARG B 20 -58.40 -6.56 -36.25
C ARG B 20 -59.19 -5.27 -36.34
N ARG B 21 -58.58 -4.12 -36.04
CA ARG B 21 -59.27 -2.85 -36.23
C ARG B 21 -59.66 -2.67 -37.68
N GLN B 22 -58.73 -2.91 -38.61
CA GLN B 22 -59.05 -2.76 -40.03
C GLN B 22 -60.13 -3.73 -40.46
N CYS B 23 -60.06 -4.99 -40.01
CA CYS B 23 -60.99 -6.00 -40.48
C CYS B 23 -62.37 -5.79 -39.89
N GLN B 24 -62.45 -5.36 -38.63
CA GLN B 24 -63.74 -5.03 -38.04
C GLN B 24 -64.36 -3.80 -38.70
N ARG B 25 -63.52 -2.81 -39.05
CA ARG B 25 -64.04 -1.67 -39.80
C ARG B 25 -64.61 -2.11 -41.15
N SER B 26 -63.91 -3.01 -41.84
CA SER B 26 -64.41 -3.52 -43.12
C SER B 26 -65.71 -4.30 -42.92
N LEU B 27 -65.79 -5.10 -41.85
CA LEU B 27 -67.00 -5.85 -41.58
C LEU B 27 -68.19 -4.93 -41.31
N THR B 28 -67.97 -3.87 -40.53
CA THR B 28 -69.04 -2.95 -40.19
C THR B 28 -69.29 -1.88 -41.25
N GLU B 29 -68.46 -1.83 -42.30
CA GLU B 29 -68.63 -0.83 -43.34
C GLU B 29 -69.14 -1.38 -44.66
N ASP B 30 -69.05 -2.69 -44.88
CA ASP B 30 -69.46 -3.28 -46.15
C ASP B 30 -70.83 -3.94 -45.98
N PRO B 31 -71.89 -3.41 -46.59
CA PRO B 31 -73.19 -4.05 -46.45
C PRO B 31 -73.22 -5.40 -47.15
N PRO B 32 -74.01 -6.34 -46.65
CA PRO B 32 -74.11 -7.65 -47.30
C PRO B 32 -74.83 -7.54 -48.63
N PRO B 33 -74.59 -8.46 -49.56
CA PRO B 33 -75.31 -8.43 -50.84
C PRO B 33 -76.81 -8.62 -50.70
N ALA B 34 -77.27 -9.17 -49.57
CA ALA B 34 -78.70 -9.37 -49.28
C ALA B 34 -79.35 -10.29 -50.31
N THR B 35 -78.76 -11.48 -50.44
CA THR B 35 -79.27 -12.52 -51.32
C THR B 35 -79.90 -13.64 -50.48
N ASP B 36 -80.31 -14.70 -51.16
CA ASP B 36 -80.97 -15.84 -50.54
C ASP B 36 -80.09 -17.07 -50.62
N LEU B 37 -80.10 -17.88 -49.55
CA LEU B 37 -79.32 -19.11 -49.48
C LEU B 37 -77.83 -18.83 -49.69
N PHE B 38 -77.27 -18.05 -48.76
CA PHE B 38 -75.89 -17.61 -48.85
C PHE B 38 -75.24 -17.67 -47.48
N CYS B 39 -73.91 -17.68 -47.48
CA CYS B 39 -73.14 -17.74 -46.24
C CYS B 39 -73.30 -16.45 -45.45
N ASN B 40 -73.14 -16.55 -44.14
CA ASN B 40 -73.33 -15.44 -43.22
C ASN B 40 -71.98 -14.94 -42.70
N ARG B 41 -71.87 -13.62 -42.58
CA ARG B 41 -70.64 -13.01 -42.09
C ARG B 41 -70.48 -13.25 -40.59
N THR B 42 -69.25 -13.47 -40.15
CA THR B 42 -68.97 -13.69 -38.75
C THR B 42 -67.51 -13.33 -38.47
N PHE B 43 -67.21 -13.15 -37.18
CA PHE B 43 -65.88 -12.80 -36.71
C PHE B 43 -65.45 -13.82 -35.66
N ASP B 44 -64.24 -14.37 -35.82
CA ASP B 44 -63.79 -15.47 -34.98
C ASP B 44 -62.34 -15.28 -34.52
N GLU B 45 -61.90 -14.02 -34.36
CA GLU B 45 -60.63 -13.63 -33.73
C GLU B 45 -59.42 -14.36 -34.30
N TYR B 46 -59.60 -15.05 -35.42
CA TYR B 46 -58.53 -15.79 -36.09
C TYR B 46 -58.43 -15.45 -37.56
N ALA B 47 -59.57 -15.25 -38.23
CA ALA B 47 -59.60 -14.89 -39.64
C ALA B 47 -60.99 -14.35 -39.96
N CYS B 48 -61.03 -13.24 -40.70
CA CYS B 48 -62.30 -12.65 -41.06
C CYS B 48 -63.09 -13.59 -41.96
N TRP B 49 -64.39 -13.71 -41.70
CA TRP B 49 -65.27 -14.63 -42.42
C TRP B 49 -66.47 -13.88 -42.96
N PRO B 50 -66.32 -13.22 -44.12
CA PRO B 50 -67.46 -12.58 -44.77
C PRO B 50 -68.22 -13.60 -45.62
N ASP B 51 -69.22 -13.10 -46.34
CA ASP B 51 -70.02 -13.96 -47.21
C ASP B 51 -69.19 -14.44 -48.39
N GLY B 52 -69.36 -15.71 -48.74
CA GLY B 52 -68.69 -16.31 -49.88
C GLY B 52 -69.58 -16.36 -51.11
N GLU B 53 -69.23 -17.28 -52.02
CA GLU B 53 -69.99 -17.47 -53.24
C GLU B 53 -70.82 -18.74 -53.14
N PRO B 54 -72.14 -18.66 -53.20
CA PRO B 54 -72.97 -19.85 -53.01
C PRO B 54 -72.75 -20.89 -54.11
N GLY B 55 -72.89 -22.15 -53.74
CA GLY B 55 -72.71 -23.24 -54.67
C GLY B 55 -71.31 -23.34 -55.23
N SER B 56 -70.30 -23.05 -54.41
CA SER B 56 -68.92 -23.06 -54.89
C SER B 56 -67.98 -23.27 -53.71
N PHE B 57 -66.77 -23.71 -54.04
CA PHE B 57 -65.68 -23.88 -53.08
C PHE B 57 -64.68 -22.75 -53.30
N VAL B 58 -64.85 -21.67 -52.55
CA VAL B 58 -64.00 -20.49 -52.68
C VAL B 58 -62.81 -20.63 -51.73
N ASN B 59 -61.65 -20.17 -52.18
CA ASN B 59 -60.46 -20.19 -51.32
C ASN B 59 -60.43 -18.96 -50.42
N VAL B 60 -60.02 -19.17 -49.17
CA VAL B 60 -59.86 -18.11 -48.18
C VAL B 60 -58.40 -18.10 -47.75
N SER B 61 -57.78 -16.93 -47.77
CA SER B 61 -56.37 -16.82 -47.44
C SER B 61 -56.13 -17.10 -45.96
N CYS B 62 -54.99 -17.72 -45.66
CA CYS B 62 -54.63 -17.98 -44.28
C CYS B 62 -54.32 -16.66 -43.57
N PRO B 63 -54.50 -16.61 -42.25
CA PRO B 63 -54.24 -15.37 -41.51
C PRO B 63 -52.79 -14.93 -41.66
N TRP B 64 -52.59 -13.60 -41.72
CA TRP B 64 -51.29 -13.02 -41.99
C TRP B 64 -50.71 -12.24 -40.81
N TYR B 65 -51.51 -11.92 -39.80
CA TYR B 65 -51.02 -11.12 -38.68
C TYR B 65 -49.97 -11.85 -37.86
N LEU B 66 -49.96 -13.18 -37.89
CA LEU B 66 -48.99 -13.94 -37.12
C LEU B 66 -47.59 -13.80 -37.73
N PRO B 67 -46.55 -13.81 -36.89
CA PRO B 67 -45.19 -13.66 -37.42
C PRO B 67 -44.64 -14.92 -38.07
N TRP B 68 -45.21 -16.09 -37.77
CA TRP B 68 -44.74 -17.34 -38.35
C TRP B 68 -45.32 -17.60 -39.74
N ALA B 69 -46.21 -16.75 -40.23
CA ALA B 69 -46.80 -16.93 -41.55
C ALA B 69 -45.94 -16.36 -42.67
N SER B 70 -44.86 -15.64 -42.33
CA SER B 70 -44.00 -15.08 -43.38
C SER B 70 -43.21 -16.16 -44.10
N SER B 71 -42.74 -17.17 -43.35
CA SER B 71 -41.94 -18.22 -43.97
C SER B 71 -42.76 -19.03 -44.97
N VAL B 72 -43.98 -19.40 -44.59
CA VAL B 72 -44.87 -20.15 -45.47
C VAL B 72 -45.45 -19.21 -46.52
N PRO B 73 -45.78 -19.69 -47.71
CA PRO B 73 -46.37 -18.81 -48.72
C PRO B 73 -47.82 -18.44 -48.42
N GLN B 74 -48.46 -17.72 -49.34
CA GLN B 74 -49.85 -17.30 -49.17
C GLN B 74 -50.77 -18.50 -49.40
N GLY B 75 -50.89 -19.33 -48.36
CA GLY B 75 -51.74 -20.50 -48.44
C GLY B 75 -53.21 -20.12 -48.40
N HIS B 76 -54.03 -20.98 -49.00
CA HIS B 76 -55.46 -20.78 -49.07
C HIS B 76 -56.20 -22.07 -48.73
N VAL B 77 -57.29 -21.94 -47.98
CA VAL B 77 -58.10 -23.07 -47.55
C VAL B 77 -59.43 -23.02 -48.28
N TYR B 78 -59.90 -24.17 -48.76
CA TYR B 78 -61.16 -24.21 -49.49
C TYR B 78 -62.34 -24.26 -48.53
N ARG B 79 -63.32 -23.38 -48.76
CA ARG B 79 -64.57 -23.39 -48.01
C ARG B 79 -65.72 -23.35 -49.01
N PHE B 80 -66.72 -24.20 -48.78
CA PHE B 80 -67.84 -24.34 -49.69
C PHE B 80 -69.07 -23.64 -49.12
N CYS B 81 -69.78 -22.93 -49.98
CA CYS B 81 -71.01 -22.26 -49.61
C CYS B 81 -72.17 -22.96 -50.32
N THR B 82 -73.04 -23.60 -49.54
CA THR B 82 -74.12 -24.40 -50.09
C THR B 82 -75.28 -23.50 -50.53
N ALA B 83 -76.36 -24.13 -51.00
CA ALA B 83 -77.55 -23.43 -51.46
C ALA B 83 -78.66 -23.43 -50.41
N GLU B 84 -78.32 -23.53 -49.12
CA GLU B 84 -79.31 -23.48 -48.05
C GLU B 84 -78.94 -22.55 -46.91
N GLY B 85 -77.68 -22.17 -46.75
CA GLY B 85 -77.27 -21.32 -45.66
C GLY B 85 -77.21 -22.00 -44.31
N LEU B 86 -77.09 -23.32 -44.29
CA LEU B 86 -77.01 -24.08 -43.05
C LEU B 86 -75.60 -24.62 -42.86
N TRP B 87 -75.02 -24.41 -41.69
CA TRP B 87 -73.65 -24.82 -41.41
C TRP B 87 -73.62 -26.20 -40.76
N LEU B 88 -72.42 -26.65 -40.44
CA LEU B 88 -72.20 -27.96 -39.82
C LEU B 88 -71.34 -27.77 -38.57
N GLN B 89 -71.24 -28.85 -37.78
CA GLN B 89 -70.42 -28.84 -36.58
C GLN B 89 -69.80 -30.22 -36.39
N LYS B 90 -68.56 -30.24 -35.92
CA LYS B 90 -67.87 -31.50 -35.66
C LYS B 90 -68.43 -32.17 -34.41
N ASP B 91 -68.72 -33.47 -34.53
CA ASP B 91 -69.26 -34.28 -33.44
C ASP B 91 -70.58 -33.72 -32.90
N ASN B 92 -71.25 -32.89 -33.69
CA ASN B 92 -72.53 -32.27 -33.32
C ASN B 92 -72.42 -31.48 -32.03
N SER B 93 -71.25 -30.91 -31.76
CA SER B 93 -71.02 -30.12 -30.56
C SER B 93 -70.72 -28.66 -30.87
N SER B 94 -69.69 -28.39 -31.66
CA SER B 94 -69.25 -27.03 -31.97
C SER B 94 -68.25 -27.12 -33.13
N LEU B 95 -67.60 -25.99 -33.42
CA LEU B 95 -66.53 -25.84 -34.41
C LEU B 95 -67.10 -25.93 -35.82
N PRO B 96 -66.83 -24.94 -36.68
CA PRO B 96 -67.34 -25.02 -38.06
C PRO B 96 -66.63 -26.08 -38.88
N TRP B 97 -67.05 -27.33 -38.69
CA TRP B 97 -66.50 -28.55 -39.30
C TRP B 97 -65.06 -28.43 -39.80
N ARG B 98 -64.83 -27.70 -40.88
CA ARG B 98 -63.48 -27.57 -41.43
C ARG B 98 -63.36 -26.21 -42.11
N ASP B 99 -62.36 -26.05 -42.99
CA ASP B 99 -62.01 -24.83 -43.71
C ASP B 99 -61.21 -23.86 -42.85
N LEU B 100 -60.63 -24.33 -41.74
CA LEU B 100 -59.71 -23.51 -40.97
C LEU B 100 -58.51 -24.31 -40.48
N SER B 101 -58.26 -25.50 -41.02
CA SER B 101 -57.19 -26.37 -40.54
C SER B 101 -55.94 -26.32 -41.42
N GLU B 102 -56.08 -25.99 -42.70
CA GLU B 102 -54.94 -26.00 -43.62
C GLU B 102 -54.17 -24.69 -43.59
N CYS B 103 -53.78 -24.27 -42.38
CA CYS B 103 -52.90 -23.13 -42.21
C CYS B 103 -51.79 -23.39 -41.21
N GLU B 104 -51.75 -24.56 -40.57
CA GLU B 104 -50.73 -24.92 -39.60
C GLU B 104 -49.75 -25.89 -40.25
N GLU B 105 -48.50 -25.46 -40.40
CA GLU B 105 -47.46 -26.28 -41.00
C GLU B 105 -46.23 -26.46 -40.11
N SER B 106 -45.93 -25.50 -39.25
CA SER B 106 -44.83 -25.54 -38.29
C SER B 106 -43.46 -25.66 -38.95
N LYS B 107 -43.39 -25.49 -40.27
CA LYS B 107 -42.16 -25.58 -41.08
C LYS B 107 -41.16 -26.63 -40.57
N SER B 112 -30.71 -22.28 -38.03
CA SER B 112 -31.89 -21.99 -38.82
C SER B 112 -33.13 -22.67 -38.24
N SER B 113 -33.00 -23.12 -37.00
CA SER B 113 -34.07 -23.82 -36.30
C SER B 113 -34.31 -23.20 -34.93
N PRO B 114 -35.54 -23.27 -34.42
CA PRO B 114 -35.80 -22.74 -33.08
C PRO B 114 -35.08 -23.48 -31.97
N GLU B 115 -34.61 -24.72 -32.21
CA GLU B 115 -34.01 -25.50 -31.14
C GLU B 115 -32.54 -25.13 -30.93
N GLU B 116 -31.70 -25.35 -31.94
CA GLU B 116 -30.27 -25.10 -31.77
C GLU B 116 -29.94 -23.61 -31.80
N GLN B 117 -30.53 -22.87 -32.72
CA GLN B 117 -30.16 -21.47 -32.90
C GLN B 117 -30.75 -20.56 -31.83
N LEU B 118 -31.77 -21.00 -31.12
CA LEU B 118 -32.45 -20.13 -30.15
C LEU B 118 -32.35 -20.64 -28.72
N LEU B 119 -32.71 -21.89 -28.46
CA LEU B 119 -32.74 -22.39 -27.09
C LEU B 119 -31.35 -22.45 -26.47
N PHE B 120 -30.36 -22.90 -27.23
CA PHE B 120 -28.99 -22.95 -26.72
C PHE B 120 -28.48 -21.54 -26.39
N LEU B 121 -28.77 -20.57 -27.26
CA LEU B 121 -28.37 -19.20 -27.02
C LEU B 121 -29.00 -18.64 -25.75
N TYR B 122 -30.31 -18.88 -25.57
CA TYR B 122 -30.98 -18.40 -24.36
C TYR B 122 -30.44 -19.08 -23.12
N ILE B 123 -30.13 -20.38 -23.21
CA ILE B 123 -29.60 -21.10 -22.05
C ILE B 123 -28.26 -20.52 -21.64
N ILE B 124 -27.37 -20.30 -22.60
CA ILE B 124 -26.06 -19.75 -22.26
C ILE B 124 -26.19 -18.32 -21.75
N TYR B 125 -27.11 -17.54 -22.32
CA TYR B 125 -27.38 -16.20 -21.80
C TYR B 125 -27.81 -16.22 -20.34
N THR B 126 -28.81 -17.04 -20.02
CA THR B 126 -29.33 -17.05 -18.66
C THR B 126 -28.28 -17.55 -17.68
N VAL B 127 -27.56 -18.63 -18.03
CA VAL B 127 -26.57 -19.16 -17.10
C VAL B 127 -25.41 -18.18 -16.91
N GLY B 128 -24.99 -17.49 -17.98
CA GLY B 128 -23.92 -16.53 -17.84
C GLY B 128 -24.31 -15.34 -17.00
N TYR B 129 -25.52 -14.82 -17.20
CA TYR B 129 -25.97 -13.71 -16.38
C TYR B 129 -26.13 -14.12 -14.92
N ALA B 130 -26.62 -15.34 -14.66
CA ALA B 130 -26.72 -15.80 -13.28
C ALA B 130 -25.35 -15.90 -12.62
N LEU B 131 -24.38 -16.49 -13.34
CA LEU B 131 -23.03 -16.60 -12.79
C LEU B 131 -22.41 -15.23 -12.55
N SER B 132 -22.58 -14.30 -13.49
CA SER B 132 -22.03 -12.97 -13.33
C SER B 132 -22.69 -12.24 -12.16
N PHE B 133 -24.00 -12.37 -12.02
CA PHE B 133 -24.70 -11.73 -10.91
C PHE B 133 -24.20 -12.25 -9.57
N SER B 134 -24.05 -13.58 -9.45
CA SER B 134 -23.54 -14.14 -8.20
C SER B 134 -22.12 -13.67 -7.92
N ALA B 135 -21.26 -13.69 -8.95
CA ALA B 135 -19.87 -13.29 -8.78
C ALA B 135 -19.76 -11.83 -8.37
N LEU B 136 -20.56 -10.96 -8.98
CA LEU B 136 -20.53 -9.55 -8.63
C LEU B 136 -21.10 -9.28 -7.24
N VAL B 137 -22.11 -10.04 -6.81
CA VAL B 137 -22.57 -9.91 -5.44
C VAL B 137 -21.45 -10.27 -4.46
N ILE B 138 -20.77 -11.39 -4.70
CA ILE B 138 -19.68 -11.80 -3.83
C ILE B 138 -18.55 -10.77 -3.87
N ALA B 139 -18.25 -10.24 -5.06
CA ALA B 139 -17.17 -9.27 -5.20
C ALA B 139 -17.49 -7.98 -4.47
N SER B 140 -18.73 -7.51 -4.56
CA SER B 140 -19.12 -6.31 -3.83
C SER B 140 -19.04 -6.55 -2.33
N ALA B 141 -19.46 -7.74 -1.87
CA ALA B 141 -19.35 -8.06 -0.46
C ALA B 141 -17.89 -8.03 0.00
N ILE B 142 -16.99 -8.61 -0.78
CA ILE B 142 -15.58 -8.62 -0.42
C ILE B 142 -15.00 -7.21 -0.40
N LEU B 143 -15.32 -6.41 -1.43
CA LEU B 143 -14.77 -5.06 -1.50
C LEU B 143 -15.27 -4.18 -0.36
N LEU B 144 -16.54 -4.31 0.01
CA LEU B 144 -17.08 -3.49 1.08
C LEU B 144 -16.65 -3.97 2.46
N GLY B 145 -16.52 -5.28 2.64
CA GLY B 145 -16.22 -5.81 3.96
C GLY B 145 -14.84 -5.42 4.47
N PHE B 146 -13.83 -5.52 3.62
CA PHE B 146 -12.46 -5.24 4.04
C PHE B 146 -12.21 -3.73 4.01
N ARG B 147 -11.84 -3.18 5.16
CA ARG B 147 -11.64 -1.74 5.28
C ARG B 147 -10.35 -1.26 4.64
N HIS B 148 -9.42 -2.17 4.36
CA HIS B 148 -8.15 -1.78 3.76
C HIS B 148 -8.22 -1.63 2.24
N LEU B 149 -9.37 -1.91 1.65
CA LEU B 149 -9.58 -1.79 0.21
C LEU B 149 -10.62 -0.72 -0.10
N HIS B 150 -10.53 0.42 0.57
CA HIS B 150 -11.52 1.48 0.47
C HIS B 150 -10.98 2.72 -0.25
N CYS B 151 -10.21 2.51 -1.32
CA CYS B 151 -9.69 3.61 -2.11
C CYS B 151 -10.74 4.05 -3.13
N THR B 152 -10.42 5.13 -3.86
CA THR B 152 -11.33 5.61 -4.91
C THR B 152 -11.46 4.60 -6.03
N ARG B 153 -10.36 3.92 -6.37
CA ARG B 153 -10.41 2.88 -7.40
C ARG B 153 -11.43 1.80 -7.05
N ASN B 154 -11.43 1.34 -5.80
CA ASN B 154 -12.39 0.33 -5.39
C ASN B 154 -13.81 0.89 -5.28
N TYR B 155 -13.97 2.19 -5.02
CA TYR B 155 -15.31 2.78 -5.07
C TYR B 155 -15.86 2.74 -6.49
N ILE B 156 -15.03 3.08 -7.48
CA ILE B 156 -15.47 3.01 -8.87
C ILE B 156 -15.74 1.56 -9.26
N HIS B 157 -14.92 0.62 -8.77
CA HIS B 157 -15.17 -0.79 -9.04
C HIS B 157 -16.50 -1.23 -8.43
N LEU B 158 -16.81 -0.77 -7.22
CA LEU B 158 -18.07 -1.12 -6.58
C LEU B 158 -19.25 -0.57 -7.37
N ASN B 159 -19.14 0.66 -7.86
CA ASN B 159 -20.22 1.24 -8.66
C ASN B 159 -20.40 0.47 -9.97
N LEU B 160 -19.29 0.07 -10.60
CA LEU B 160 -19.38 -0.73 -11.82
C LEU B 160 -20.03 -2.08 -11.55
N PHE B 161 -19.68 -2.71 -10.42
CA PHE B 161 -20.32 -3.97 -10.05
C PHE B 161 -21.81 -3.79 -9.84
N ALA B 162 -22.20 -2.69 -9.18
CA ALA B 162 -23.62 -2.42 -8.99
C ALA B 162 -24.34 -2.22 -10.31
N SER B 163 -23.70 -1.52 -11.26
CA SER B 163 -24.31 -1.33 -12.57
C SER B 163 -24.50 -2.66 -13.29
N PHE B 164 -23.49 -3.52 -13.27
CA PHE B 164 -23.62 -4.83 -13.89
C PHE B 164 -24.72 -5.65 -13.23
N ILE B 165 -24.79 -5.60 -11.90
CA ILE B 165 -25.84 -6.32 -11.18
C ILE B 165 -27.22 -5.81 -11.56
N LEU B 166 -27.35 -4.49 -11.71
CA LEU B 166 -28.64 -3.92 -12.11
C LEU B 166 -29.03 -4.36 -13.51
N ARG B 167 -28.08 -4.40 -14.44
CA ARG B 167 -28.38 -4.89 -15.78
C ARG B 167 -28.85 -6.34 -15.75
N ALA B 168 -28.12 -7.19 -15.02
CA ALA B 168 -28.51 -8.59 -14.93
C ALA B 168 -29.88 -8.73 -14.27
N LEU B 169 -30.15 -7.93 -13.24
CA LEU B 169 -31.44 -7.98 -12.57
C LEU B 169 -32.57 -7.57 -13.51
N SER B 170 -32.35 -6.54 -14.32
CA SER B 170 -33.36 -6.12 -15.28
C SER B 170 -33.66 -7.22 -16.29
N VAL B 171 -32.61 -7.88 -16.80
CA VAL B 171 -32.81 -8.97 -17.74
C VAL B 171 -33.61 -10.10 -17.07
N PHE B 172 -33.24 -10.47 -15.85
CA PHE B 172 -33.93 -11.54 -15.14
C PHE B 172 -35.38 -11.19 -14.88
N ILE B 173 -35.66 -9.95 -14.50
CA ILE B 173 -37.03 -9.52 -14.23
C ILE B 173 -37.86 -9.57 -15.50
N LYS B 174 -37.31 -9.12 -16.63
CA LYS B 174 -38.06 -9.20 -17.88
C LYS B 174 -38.35 -10.65 -18.26
N ASP B 175 -37.36 -11.53 -18.13
CA ASP B 175 -37.57 -12.95 -18.46
C ASP B 175 -38.64 -13.55 -17.55
N ALA B 176 -38.57 -13.26 -16.25
CA ALA B 176 -39.54 -13.82 -15.32
C ALA B 176 -40.93 -13.27 -15.57
N ALA B 177 -41.04 -11.99 -15.95
CA ALA B 177 -42.34 -11.42 -16.27
C ALA B 177 -42.95 -12.11 -17.47
N LEU B 178 -42.14 -12.37 -18.52
CA LEU B 178 -42.67 -13.10 -19.67
C LEU B 178 -43.06 -14.51 -19.29
N LYS B 179 -42.28 -15.17 -18.44
CA LYS B 179 -42.62 -16.53 -18.00
C LYS B 179 -43.93 -16.55 -17.22
N TRP B 180 -44.13 -15.55 -16.35
CA TRP B 180 -45.37 -15.49 -15.59
C TRP B 180 -46.56 -15.16 -16.48
N MET B 181 -46.36 -14.34 -17.50
CA MET B 181 -47.43 -14.09 -18.47
C MET B 181 -47.81 -15.39 -19.19
N TYR B 182 -46.80 -16.17 -19.60
CA TYR B 182 -47.09 -17.46 -20.23
C TYR B 182 -47.81 -18.39 -19.27
N SER B 183 -47.40 -18.40 -18.00
CA SER B 183 -48.06 -19.26 -17.01
C SER B 183 -49.51 -18.86 -16.80
N THR B 184 -49.79 -17.56 -16.72
CA THR B 184 -51.16 -17.08 -16.60
C THR B 184 -51.96 -17.34 -17.86
N ALA B 185 -51.30 -17.45 -19.01
CA ALA B 185 -51.97 -17.90 -20.24
C ALA B 185 -52.11 -19.40 -20.31
N ALA B 186 -51.42 -20.15 -19.46
CA ALA B 186 -51.48 -21.61 -19.51
C ALA B 186 -52.82 -22.14 -19.01
N GLN B 187 -53.50 -21.39 -18.13
CA GLN B 187 -54.82 -21.78 -17.67
C GLN B 187 -55.92 -21.47 -18.68
N GLN B 188 -55.55 -21.18 -19.92
CA GLN B 188 -56.45 -21.02 -21.05
C GLN B 188 -57.43 -19.86 -20.89
N HIS B 189 -57.17 -18.95 -19.96
CA HIS B 189 -58.06 -17.83 -19.70
C HIS B 189 -57.26 -16.71 -19.05
N GLN B 190 -57.98 -15.74 -18.48
CA GLN B 190 -57.38 -14.59 -17.79
C GLN B 190 -56.46 -13.80 -18.74
N TRP B 191 -57.08 -13.23 -19.78
CA TRP B 191 -56.37 -12.43 -20.77
C TRP B 191 -56.07 -11.06 -20.16
N ASP B 192 -55.02 -11.03 -19.34
CA ASP B 192 -54.58 -9.79 -18.68
C ASP B 192 -53.53 -9.04 -19.47
N GLY B 193 -53.11 -9.55 -20.63
CA GLY B 193 -52.14 -8.82 -21.44
C GLY B 193 -52.68 -7.51 -21.96
N LEU B 194 -53.95 -7.49 -22.37
CA LEU B 194 -54.53 -6.27 -22.91
C LEU B 194 -54.54 -5.15 -21.87
N LEU B 195 -54.85 -5.49 -20.61
CA LEU B 195 -54.72 -4.51 -19.54
C LEU B 195 -53.26 -4.11 -19.35
N SER B 196 -52.35 -5.08 -19.45
CA SER B 196 -50.92 -4.80 -19.32
C SER B 196 -50.42 -3.85 -20.41
N TYR B 197 -51.13 -3.75 -21.54
CA TYR B 197 -50.75 -2.85 -22.62
C TYR B 197 -51.18 -1.41 -22.37
N GLN B 198 -51.59 -1.08 -21.15
CA GLN B 198 -51.97 0.29 -20.82
C GLN B 198 -50.79 1.26 -20.84
N ASP B 199 -49.56 0.74 -20.88
CA ASP B 199 -48.36 1.56 -20.91
C ASP B 199 -48.27 2.47 -19.67
N SER B 200 -48.74 1.95 -18.53
CA SER B 200 -48.66 2.67 -17.27
C SER B 200 -47.75 1.98 -16.27
N LEU B 201 -48.03 0.73 -15.91
CA LEU B 201 -47.24 0.01 -14.93
C LEU B 201 -46.59 -1.24 -15.48
N SER B 202 -47.37 -2.14 -16.08
CA SER B 202 -46.80 -3.38 -16.61
C SER B 202 -45.82 -3.09 -17.73
N CYS B 203 -46.17 -2.19 -18.64
CA CYS B 203 -45.24 -1.68 -19.63
C CYS B 203 -44.64 -0.38 -19.08
N ARG B 204 -43.96 0.38 -19.95
CA ARG B 204 -43.41 1.69 -19.62
C ARG B 204 -42.28 1.59 -18.62
N LEU B 205 -42.60 1.34 -17.34
CA LEU B 205 -41.57 1.41 -16.30
C LEU B 205 -40.52 0.32 -16.51
N VAL B 206 -40.94 -0.88 -16.90
CA VAL B 206 -39.97 -1.97 -17.10
C VAL B 206 -39.01 -1.63 -18.24
N PHE B 207 -39.55 -1.11 -19.35
CA PHE B 207 -38.70 -0.79 -20.50
C PHE B 207 -37.77 0.37 -20.21
N LEU B 208 -38.29 1.42 -19.57
CA LEU B 208 -37.42 2.55 -19.22
C LEU B 208 -36.36 2.14 -18.22
N LEU B 209 -36.72 1.30 -17.25
CA LEU B 209 -35.74 0.82 -16.28
C LEU B 209 -34.66 -0.02 -16.95
N MET B 210 -35.05 -0.89 -17.88
CA MET B 210 -34.06 -1.69 -18.60
C MET B 210 -33.12 -0.81 -19.42
N GLN B 211 -33.68 0.18 -20.13
CA GLN B 211 -32.85 1.10 -20.90
C GLN B 211 -31.91 1.89 -20.00
N TYR B 212 -32.40 2.36 -18.85
CA TYR B 212 -31.54 3.10 -17.95
C TYR B 212 -30.42 2.23 -17.40
N CYS B 213 -30.73 0.99 -17.05
CA CYS B 213 -29.69 0.09 -16.55
C CYS B 213 -28.63 -0.18 -17.62
N VAL B 214 -29.05 -0.38 -18.87
CA VAL B 214 -28.10 -0.61 -19.95
C VAL B 214 -27.21 0.61 -20.14
N ALA B 215 -27.82 1.80 -20.18
CA ALA B 215 -27.05 3.03 -20.35
C ALA B 215 -26.10 3.25 -19.17
N ALA B 216 -26.55 2.94 -17.95
CA ALA B 216 -25.70 3.09 -16.79
C ALA B 216 -24.49 2.17 -16.85
N ASN B 217 -24.69 0.93 -17.31
CA ASN B 217 -23.54 0.04 -17.48
C ASN B 217 -22.58 0.58 -18.53
N TYR B 218 -23.11 1.03 -19.67
CA TYR B 218 -22.25 1.53 -20.73
C TYR B 218 -21.53 2.82 -20.34
N TYR B 219 -22.10 3.60 -19.42
CA TYR B 219 -21.47 4.85 -19.00
C TYR B 219 -20.65 4.69 -17.73
N TRP B 220 -20.73 3.55 -17.04
CA TRP B 220 -19.80 3.25 -15.97
C TRP B 220 -18.54 2.55 -16.47
N LEU B 221 -18.65 1.77 -17.54
CA LEU B 221 -17.42 1.39 -18.25
C LEU B 221 -16.65 2.64 -18.69
N LEU B 222 -17.36 3.66 -19.18
CA LEU B 222 -16.72 4.91 -19.57
C LEU B 222 -16.07 5.61 -18.39
N VAL B 223 -16.76 5.63 -17.24
CA VAL B 223 -16.19 6.28 -16.06
C VAL B 223 -14.92 5.56 -15.62
N GLU B 224 -14.94 4.23 -15.64
CA GLU B 224 -13.74 3.47 -15.28
C GLU B 224 -12.59 3.79 -16.23
N GLY B 225 -12.85 3.80 -17.53
CA GLY B 225 -11.80 4.12 -18.48
C GLY B 225 -11.26 5.53 -18.33
N VAL B 226 -12.16 6.49 -18.10
CA VAL B 226 -11.76 7.88 -17.95
C VAL B 226 -10.93 8.07 -16.69
N TYR B 227 -11.33 7.42 -15.59
CA TYR B 227 -10.54 7.50 -14.36
C TYR B 227 -9.16 6.90 -14.54
N LEU B 228 -9.06 5.76 -15.22
CA LEU B 228 -7.75 5.19 -15.48
C LEU B 228 -6.90 6.11 -16.34
N TYR B 229 -7.50 6.71 -17.37
CA TYR B 229 -6.74 7.62 -18.24
C TYR B 229 -6.26 8.85 -17.49
N THR B 230 -7.11 9.43 -16.63
CA THR B 230 -6.67 10.58 -15.84
C THR B 230 -5.65 10.19 -14.79
N LEU B 231 -5.65 8.94 -14.32
CA LEU B 231 -4.58 8.49 -13.45
C LEU B 231 -3.26 8.42 -14.19
N LEU B 232 -3.25 7.83 -15.39
CA LEU B 232 -2.00 7.71 -16.13
C LEU B 232 -1.51 9.07 -16.62
N ALA B 233 -2.30 9.72 -17.46
CA ALA B 233 -1.96 11.05 -17.94
C ALA B 233 -2.37 12.08 -16.89
N PHE B 234 -2.36 13.36 -17.27
CA PHE B 234 -2.83 14.46 -16.42
C PHE B 234 -1.99 14.47 -15.13
N SER B 235 -2.60 14.85 -14.02
CA SER B 235 -1.90 15.04 -12.75
C SER B 235 -2.85 14.67 -11.62
N VAL B 236 -2.53 15.10 -10.42
CA VAL B 236 -3.33 14.80 -9.24
C VAL B 236 -4.29 15.95 -8.97
N LEU B 237 -5.57 15.64 -8.85
CA LEU B 237 -6.60 16.60 -8.50
C LEU B 237 -7.25 16.20 -7.18
N SER B 238 -8.23 16.99 -6.75
CA SER B 238 -8.93 16.70 -5.51
C SER B 238 -9.72 15.40 -5.64
N GLU B 239 -9.66 14.58 -4.60
CA GLU B 239 -10.34 13.28 -4.64
C GLU B 239 -11.86 13.44 -4.58
N GLN B 240 -12.36 14.35 -3.75
CA GLN B 240 -13.80 14.50 -3.59
C GLN B 240 -14.45 15.05 -4.85
N TRP B 241 -13.85 16.08 -5.44
CA TRP B 241 -14.39 16.64 -6.68
C TRP B 241 -14.40 15.59 -7.79
N ILE B 242 -13.29 14.85 -7.95
CA ILE B 242 -13.21 13.85 -9.01
C ILE B 242 -14.23 12.75 -8.79
N PHE B 243 -14.40 12.30 -7.54
CA PHE B 243 -15.36 11.22 -7.30
C PHE B 243 -16.80 11.68 -7.49
N ARG B 244 -17.12 12.88 -7.03
CA ARG B 244 -18.48 13.40 -7.24
C ARG B 244 -18.77 13.58 -8.71
N LEU B 245 -17.81 14.10 -9.48
CA LEU B 245 -18.00 14.25 -10.92
C LEU B 245 -18.18 12.90 -11.59
N TYR B 246 -17.37 11.91 -11.20
CA TYR B 246 -17.48 10.59 -11.83
C TYR B 246 -18.81 9.94 -11.50
N VAL B 247 -19.27 10.04 -10.27
CA VAL B 247 -20.57 9.48 -9.92
C VAL B 247 -21.68 10.20 -10.70
N SER B 248 -21.58 11.53 -10.82
CA SER B 248 -22.60 12.29 -11.53
C SER B 248 -22.68 11.88 -13.00
N ILE B 249 -21.54 11.73 -13.66
CA ILE B 249 -21.54 11.35 -15.07
C ILE B 249 -21.69 9.85 -15.28
N GLY B 250 -21.66 9.05 -14.22
CA GLY B 250 -21.93 7.64 -14.36
C GLY B 250 -23.39 7.30 -14.18
N TRP B 251 -23.99 7.77 -13.08
CA TRP B 251 -25.37 7.46 -12.78
C TRP B 251 -26.37 8.51 -13.24
N GLY B 252 -25.91 9.73 -13.52
CA GLY B 252 -26.81 10.81 -13.86
C GLY B 252 -26.89 11.11 -15.34
N VAL B 253 -25.76 10.99 -16.05
CA VAL B 253 -25.76 11.26 -17.49
C VAL B 253 -26.71 10.35 -18.25
N PRO B 254 -26.81 9.04 -17.96
CA PRO B 254 -27.79 8.21 -18.69
C PRO B 254 -29.21 8.73 -18.57
N LEU B 255 -29.57 9.36 -17.44
CA LEU B 255 -30.89 9.96 -17.33
C LEU B 255 -31.13 11.03 -18.38
N LEU B 256 -30.10 11.85 -18.65
CA LEU B 256 -30.26 13.00 -19.54
C LEU B 256 -30.62 12.60 -20.97
N PHE B 257 -30.42 11.34 -21.35
CA PHE B 257 -30.89 10.88 -22.65
C PHE B 257 -31.83 9.68 -22.57
N VAL B 258 -32.14 9.19 -21.37
CA VAL B 258 -33.19 8.19 -21.23
C VAL B 258 -34.53 8.85 -20.98
N VAL B 259 -34.59 9.83 -20.07
CA VAL B 259 -35.84 10.53 -19.80
C VAL B 259 -36.38 11.24 -21.04
N PRO B 260 -35.57 11.95 -21.83
CA PRO B 260 -36.12 12.47 -23.10
C PRO B 260 -36.68 11.39 -24.00
N TRP B 261 -36.03 10.22 -24.05
CA TRP B 261 -36.61 9.11 -24.80
C TRP B 261 -37.89 8.60 -24.15
N GLY B 262 -37.96 8.62 -22.83
CA GLY B 262 -39.17 8.16 -22.16
C GLY B 262 -40.36 9.06 -22.42
N ILE B 263 -40.16 10.38 -22.37
CA ILE B 263 -41.27 11.30 -22.54
C ILE B 263 -41.53 11.68 -23.99
N VAL B 264 -40.57 11.46 -24.89
CA VAL B 264 -40.80 11.74 -26.30
C VAL B 264 -41.49 10.57 -26.97
N LYS B 265 -41.08 9.35 -26.65
CA LYS B 265 -41.78 8.17 -27.13
C LYS B 265 -43.20 8.07 -26.57
N TYR B 266 -43.48 8.77 -25.48
CA TYR B 266 -44.80 8.75 -24.87
C TYR B 266 -45.83 9.56 -25.65
N LEU B 267 -45.38 10.42 -26.58
CA LEU B 267 -46.29 11.28 -27.34
C LEU B 267 -46.40 10.85 -28.80
N TYR B 268 -45.27 10.76 -29.51
CA TYR B 268 -45.33 10.54 -30.95
C TYR B 268 -45.51 9.05 -31.29
N GLU B 269 -44.81 8.18 -30.59
CA GLU B 269 -44.77 6.75 -30.91
C GLU B 269 -45.15 5.92 -29.68
N ASP B 270 -46.28 6.28 -29.06
CA ASP B 270 -46.73 5.59 -27.87
C ASP B 270 -46.88 4.09 -28.12
N GLU B 271 -47.80 3.70 -28.99
CA GLU B 271 -48.08 2.30 -29.29
C GLU B 271 -48.27 1.49 -28.01
N GLY B 272 -47.40 0.51 -27.78
CA GLY B 272 -47.36 -0.18 -26.51
C GLY B 272 -45.95 -0.25 -25.95
N CYS B 273 -45.72 0.44 -24.84
CA CYS B 273 -44.43 0.53 -24.15
C CYS B 273 -43.24 0.66 -25.09
N TRP B 274 -43.44 1.34 -26.22
CA TRP B 274 -42.35 1.78 -27.09
C TRP B 274 -41.44 0.65 -27.54
N THR B 275 -41.98 -0.56 -27.65
CA THR B 275 -41.14 -1.70 -28.04
C THR B 275 -40.75 -1.63 -29.53
N ARG B 276 -41.71 -1.31 -30.40
CA ARG B 276 -41.46 -1.27 -31.82
C ARG B 276 -41.03 0.13 -32.23
N ASN B 277 -39.86 0.22 -32.86
CA ASN B 277 -39.32 1.49 -33.34
C ASN B 277 -39.59 1.58 -34.84
N SER B 278 -40.82 1.98 -35.19
CA SER B 278 -41.19 2.13 -36.59
C SER B 278 -40.39 3.23 -37.28
N ASN B 279 -39.86 4.18 -36.53
CA ASN B 279 -39.01 5.23 -37.06
C ASN B 279 -37.56 4.88 -36.74
N MET B 280 -36.74 4.71 -37.79
CA MET B 280 -35.33 4.40 -37.58
C MET B 280 -34.61 5.54 -36.89
N ASN B 281 -34.96 6.79 -37.23
CA ASN B 281 -34.34 7.94 -36.59
C ASN B 281 -34.66 7.98 -35.10
N TYR B 282 -35.83 7.47 -34.70
CA TYR B 282 -36.25 7.56 -33.31
C TYR B 282 -35.40 6.71 -32.37
N TRP B 283 -34.58 5.81 -32.90
CA TRP B 283 -33.64 5.05 -32.10
C TRP B 283 -32.31 5.77 -31.90
N LEU B 284 -32.11 6.90 -32.58
CA LEU B 284 -30.85 7.63 -32.47
C LEU B 284 -30.73 8.42 -31.18
N ILE B 285 -31.83 8.57 -30.42
CA ILE B 285 -31.76 9.34 -29.18
C ILE B 285 -31.12 8.49 -28.08
N ILE B 286 -31.24 7.17 -28.14
CA ILE B 286 -30.65 6.28 -27.15
C ILE B 286 -29.36 5.66 -27.65
N ARG B 287 -29.33 5.21 -28.91
CA ARG B 287 -28.16 4.50 -29.42
C ARG B 287 -26.94 5.42 -29.52
N LEU B 288 -27.12 6.65 -29.99
CA LEU B 288 -25.98 7.55 -30.19
C LEU B 288 -25.27 7.89 -28.89
N PRO B 289 -25.94 8.27 -27.79
CA PRO B 289 -25.18 8.49 -26.55
C PRO B 289 -24.44 7.27 -26.07
N ILE B 290 -24.99 6.07 -26.27
CA ILE B 290 -24.29 4.86 -25.89
C ILE B 290 -23.07 4.65 -26.79
N LEU B 291 -23.26 4.78 -28.11
CA LEU B 291 -22.16 4.56 -29.04
C LEU B 291 -21.00 5.50 -28.75
N PHE B 292 -21.28 6.77 -28.53
CA PHE B 292 -20.23 7.70 -28.09
C PHE B 292 -19.53 7.18 -26.85
N ALA B 293 -20.30 6.72 -25.85
CA ALA B 293 -19.70 6.16 -24.65
C ALA B 293 -18.82 4.97 -24.97
N ILE B 294 -19.20 4.19 -25.99
CA ILE B 294 -18.33 3.12 -26.44
C ILE B 294 -17.12 3.70 -27.16
N GLY B 295 -17.36 4.65 -28.06
CA GLY B 295 -16.27 5.14 -28.91
C GLY B 295 -15.12 5.72 -28.12
N VAL B 296 -15.43 6.56 -27.12
CA VAL B 296 -14.38 7.10 -26.26
C VAL B 296 -13.59 5.98 -25.63
N ASN B 297 -14.27 4.95 -25.13
CA ASN B 297 -13.57 3.87 -24.47
C ASN B 297 -12.68 3.08 -25.41
N PHE B 298 -12.90 3.18 -26.72
CA PHE B 298 -11.93 2.60 -27.64
C PHE B 298 -10.65 3.41 -27.64
N LEU B 299 -10.76 4.73 -27.76
CA LEU B 299 -9.56 5.57 -27.85
C LEU B 299 -8.69 5.41 -26.61
N ILE B 300 -9.29 5.51 -25.43
CA ILE B 300 -8.54 5.27 -24.19
C ILE B 300 -7.88 3.91 -24.23
N PHE B 301 -8.62 2.88 -24.66
CA PHE B 301 -8.05 1.54 -24.71
C PHE B 301 -6.81 1.51 -25.56
N VAL B 302 -6.79 2.26 -26.66
CA VAL B 302 -5.58 2.35 -27.45
C VAL B 302 -4.50 3.12 -26.69
N ARG B 303 -4.85 4.31 -26.17
CA ARG B 303 -3.85 5.16 -25.54
C ARG B 303 -3.18 4.45 -24.38
N VAL B 304 -3.98 3.89 -23.46
CA VAL B 304 -3.42 3.16 -22.34
C VAL B 304 -2.51 2.05 -22.83
N ILE B 305 -2.95 1.30 -23.87
CA ILE B 305 -2.12 0.23 -24.39
C ILE B 305 -0.78 0.79 -24.85
N CYS B 306 -0.81 1.90 -25.60
CA CYS B 306 0.44 2.52 -26.02
C CYS B 306 1.32 2.83 -24.82
N ILE B 307 0.73 3.40 -23.76
CA ILE B 307 1.48 3.69 -22.55
C ILE B 307 2.15 2.42 -22.05
N VAL B 308 1.40 1.34 -21.94
CA VAL B 308 1.98 0.08 -21.46
C VAL B 308 3.12 -0.34 -22.37
N VAL B 309 2.94 -0.21 -23.68
CA VAL B 309 4.00 -0.56 -24.62
C VAL B 309 5.22 0.31 -24.35
N SER B 310 5.00 1.60 -24.13
CA SER B 310 6.12 2.51 -23.88
C SER B 310 6.88 2.11 -22.63
N LYS B 311 6.21 1.42 -21.70
CA LYS B 311 6.90 0.95 -20.51
C LYS B 311 7.76 -0.26 -20.82
N LEU B 312 7.26 -1.17 -21.67
CA LEU B 312 7.97 -2.41 -21.91
C LEU B 312 9.14 -2.22 -22.88
N LYS B 313 9.02 -1.29 -23.83
CA LYS B 313 10.08 -1.03 -24.79
C LYS B 313 11.10 -0.01 -24.29
N ALA B 314 10.97 0.44 -23.04
CA ALA B 314 11.90 1.39 -22.46
C ALA B 314 13.16 0.68 -22.01
N ASN B 315 13.98 1.34 -21.19
CA ASN B 315 15.24 0.77 -20.71
C ASN B 315 15.01 -0.48 -19.88
N LEU B 316 13.74 -0.84 -19.66
CA LEU B 316 13.41 -2.14 -19.10
C LEU B 316 13.98 -3.25 -19.98
N MET B 317 14.39 -4.35 -19.35
CA MET B 317 15.09 -5.41 -20.06
C MET B 317 14.25 -5.93 -21.23
N CYS B 318 14.91 -6.11 -22.36
CA CYS B 318 14.24 -6.50 -23.61
C CYS B 318 14.30 -8.01 -23.78
N LYS B 319 13.14 -8.60 -24.06
CA LYS B 319 13.01 -10.04 -24.26
C LYS B 319 11.69 -10.29 -24.98
N THR B 320 11.26 -11.54 -25.01
CA THR B 320 9.95 -11.86 -25.55
C THR B 320 8.81 -11.31 -24.69
N ASP B 321 9.12 -10.84 -23.48
CA ASP B 321 8.10 -10.33 -22.57
C ASP B 321 7.37 -9.12 -23.14
N ILE B 322 7.96 -8.44 -24.14
CA ILE B 322 7.28 -7.33 -24.78
C ILE B 322 6.02 -7.80 -25.48
N LYS B 323 5.94 -9.07 -25.85
CA LYS B 323 4.74 -9.64 -26.45
C LYS B 323 3.96 -10.56 -25.53
N CYS B 324 4.64 -11.32 -24.67
CA CYS B 324 3.95 -12.22 -23.76
C CYS B 324 3.20 -11.45 -22.68
N ARG B 325 3.87 -10.49 -22.04
CA ARG B 325 3.22 -9.70 -21.01
C ARG B 325 2.16 -8.78 -21.59
N LEU B 326 2.45 -8.15 -22.74
CA LEU B 326 1.49 -7.23 -23.35
C LEU B 326 0.17 -7.92 -23.65
N ALA B 327 0.24 -9.11 -24.25
CA ALA B 327 -0.99 -9.87 -24.54
C ALA B 327 -1.76 -10.16 -23.25
N LYS B 328 -1.05 -10.32 -22.13
CA LYS B 328 -1.74 -10.53 -20.87
C LYS B 328 -2.34 -9.24 -20.34
N SER B 329 -1.70 -8.10 -20.60
CA SER B 329 -2.25 -6.83 -20.13
C SER B 329 -3.52 -6.45 -20.89
N THR B 330 -3.48 -6.50 -22.23
CA THR B 330 -4.63 -6.10 -23.02
C THR B 330 -5.84 -6.97 -22.78
N LEU B 331 -5.66 -8.30 -22.68
CA LEU B 331 -6.78 -9.17 -22.35
C LEU B 331 -7.34 -8.87 -20.97
N THR B 332 -6.52 -8.31 -20.08
CA THR B 332 -7.02 -7.87 -18.79
C THR B 332 -7.85 -6.60 -18.91
N LEU B 333 -7.54 -5.77 -19.90
CA LEU B 333 -8.24 -4.50 -20.07
C LEU B 333 -9.50 -4.61 -20.92
N ILE B 334 -9.67 -5.70 -21.66
CA ILE B 334 -10.86 -5.86 -22.50
C ILE B 334 -12.14 -5.91 -21.66
N PRO B 335 -12.25 -6.74 -20.62
CA PRO B 335 -13.49 -6.72 -19.83
C PRO B 335 -13.75 -5.40 -19.11
N LEU B 336 -12.69 -4.72 -18.67
CA LEU B 336 -12.89 -3.52 -17.86
C LEU B 336 -13.50 -2.38 -18.66
N LEU B 337 -12.99 -2.15 -19.87
CA LEU B 337 -13.46 -1.05 -20.70
C LEU B 337 -14.57 -1.46 -21.66
N GLY B 338 -14.94 -2.74 -21.68
CA GLY B 338 -15.97 -3.18 -22.61
C GLY B 338 -15.60 -2.97 -24.06
N THR B 339 -14.34 -3.26 -24.41
CA THR B 339 -13.84 -2.92 -25.74
C THR B 339 -14.43 -3.82 -26.81
N HIS B 340 -14.84 -5.04 -26.45
CA HIS B 340 -15.29 -6.02 -27.44
C HIS B 340 -16.44 -5.50 -28.29
N GLU B 341 -17.27 -4.60 -27.74
CA GLU B 341 -18.36 -4.03 -28.53
C GLU B 341 -17.84 -3.38 -29.81
N VAL B 342 -16.72 -2.66 -29.72
CA VAL B 342 -16.13 -2.09 -30.93
C VAL B 342 -15.54 -3.19 -31.80
N ILE B 343 -14.93 -4.20 -31.19
CA ILE B 343 -14.21 -5.21 -31.96
C ILE B 343 -15.18 -6.01 -32.84
N PHE B 344 -16.38 -6.27 -32.32
CA PHE B 344 -17.38 -6.98 -33.11
C PHE B 344 -18.33 -6.04 -33.85
N ALA B 345 -18.91 -5.06 -33.16
CA ALA B 345 -19.89 -4.17 -33.77
C ALA B 345 -19.54 -2.71 -33.57
N HIS B 351 -23.55 -9.76 -42.93
CA HIS B 351 -22.65 -9.97 -41.79
C HIS B 351 -23.23 -10.98 -40.82
N ALA B 352 -24.49 -11.39 -41.07
CA ALA B 352 -25.16 -12.34 -40.20
C ALA B 352 -26.16 -13.12 -41.06
N ARG B 353 -25.79 -14.33 -41.45
CA ARG B 353 -26.67 -15.18 -42.24
C ARG B 353 -26.22 -16.63 -42.09
N GLY B 354 -27.09 -17.48 -41.56
CA GLY B 354 -26.77 -18.88 -41.37
C GLY B 354 -25.73 -19.11 -40.30
N THR B 355 -24.58 -19.70 -40.67
CA THR B 355 -23.51 -19.90 -39.72
C THR B 355 -22.96 -18.56 -39.22
N LEU B 356 -22.83 -17.58 -40.13
CA LEU B 356 -22.40 -16.25 -39.72
C LEU B 356 -23.38 -15.64 -38.74
N ARG B 357 -24.68 -15.80 -38.98
CA ARG B 357 -25.68 -15.30 -38.05
C ARG B 357 -25.55 -15.98 -36.69
N PHE B 358 -25.33 -17.30 -36.68
CA PHE B 358 -25.18 -18.01 -35.42
C PHE B 358 -23.97 -17.52 -34.64
N ILE B 359 -22.84 -17.33 -35.33
CA ILE B 359 -21.63 -16.87 -34.65
C ILE B 359 -21.81 -15.45 -34.13
N LYS B 360 -22.44 -14.58 -34.95
CA LYS B 360 -22.64 -13.19 -34.52
C LYS B 360 -23.58 -13.12 -33.32
N LEU B 361 -24.62 -13.94 -33.31
CA LEU B 361 -25.57 -13.96 -32.19
C LEU B 361 -25.08 -14.75 -31.00
N PHE B 362 -23.99 -15.52 -31.16
CA PHE B 362 -23.42 -16.28 -30.05
C PHE B 362 -22.29 -15.52 -29.36
N THR B 363 -21.25 -15.13 -30.12
CA THR B 363 -20.07 -14.54 -29.51
C THR B 363 -20.40 -13.22 -28.81
N GLU B 364 -21.04 -12.30 -29.52
CA GLU B 364 -21.43 -11.02 -28.91
C GLU B 364 -22.29 -11.23 -27.69
N LEU B 365 -23.30 -12.08 -27.80
CA LEU B 365 -24.32 -12.17 -26.78
C LEU B 365 -23.75 -12.83 -25.51
N SER B 366 -22.96 -13.89 -25.70
CA SER B 366 -22.27 -14.55 -24.60
C SER B 366 -21.23 -13.66 -23.95
N PHE B 367 -20.47 -12.89 -24.72
CA PHE B 367 -19.52 -11.96 -24.11
C PHE B 367 -20.23 -10.91 -23.28
N THR B 368 -21.35 -10.39 -23.79
CA THR B 368 -22.14 -9.45 -23.00
C THR B 368 -22.62 -10.10 -21.71
N SER B 369 -23.04 -11.37 -21.78
CA SER B 369 -23.52 -12.06 -20.58
C SER B 369 -22.40 -12.27 -19.56
N PHE B 370 -21.22 -12.66 -20.02
CA PHE B 370 -20.13 -13.05 -19.12
C PHE B 370 -19.16 -11.91 -18.78
N GLN B 371 -19.39 -10.71 -19.30
CA GLN B 371 -18.50 -9.60 -18.98
C GLN B 371 -18.48 -9.32 -17.47
N GLY B 372 -19.62 -9.40 -16.81
CA GLY B 372 -19.65 -9.18 -15.38
C GLY B 372 -18.82 -10.19 -14.61
N LEU B 373 -18.94 -11.47 -14.97
CA LEU B 373 -18.13 -12.50 -14.34
C LEU B 373 -16.65 -12.26 -14.57
N MET B 374 -16.28 -11.91 -15.80
CA MET B 374 -14.88 -11.66 -16.11
C MET B 374 -14.34 -10.49 -15.29
N VAL B 375 -15.10 -9.40 -15.20
CA VAL B 375 -14.66 -8.23 -14.44
C VAL B 375 -14.52 -8.57 -12.97
N ALA B 376 -15.51 -9.27 -12.40
CA ALA B 376 -15.43 -9.63 -10.99
C ALA B 376 -14.22 -10.51 -10.70
N ILE B 377 -13.97 -11.51 -11.55
CA ILE B 377 -12.82 -12.38 -11.35
C ILE B 377 -11.52 -11.59 -11.46
N LEU B 378 -11.42 -10.73 -12.47
CA LEU B 378 -10.14 -10.08 -12.74
C LEU B 378 -9.82 -8.97 -11.74
N TYR B 379 -10.83 -8.31 -11.18
CA TYR B 379 -10.58 -7.16 -10.33
C TYR B 379 -11.07 -7.31 -8.90
N CYS B 380 -11.56 -8.48 -8.49
CA CYS B 380 -11.87 -8.72 -7.09
C CYS B 380 -11.45 -10.08 -6.57
N PHE B 381 -11.02 -11.02 -7.43
CA PHE B 381 -10.64 -12.35 -6.99
C PHE B 381 -9.16 -12.62 -7.21
N VAL B 382 -8.65 -12.36 -8.42
CA VAL B 382 -7.22 -12.52 -8.68
C VAL B 382 -6.43 -11.28 -8.30
N ASN B 383 -7.08 -10.25 -7.76
CA ASN B 383 -6.37 -9.05 -7.32
C ASN B 383 -5.44 -9.39 -6.17
N ASN B 384 -4.23 -8.83 -6.22
CA ASN B 384 -3.23 -9.15 -5.21
C ASN B 384 -3.61 -8.58 -3.85
N GLU B 385 -4.21 -7.38 -3.83
CA GLU B 385 -4.55 -6.75 -2.56
C GLU B 385 -5.64 -7.53 -1.82
N VAL B 386 -6.68 -7.97 -2.55
CA VAL B 386 -7.73 -8.74 -1.90
C VAL B 386 -7.22 -10.10 -1.45
N GLN B 387 -6.31 -10.71 -2.23
CA GLN B 387 -5.71 -11.96 -1.80
C GLN B 387 -4.88 -11.78 -0.54
N LEU B 388 -4.13 -10.68 -0.45
CA LEU B 388 -3.37 -10.38 0.75
C LEU B 388 -4.29 -10.18 1.94
N GLU B 389 -5.41 -9.47 1.73
CA GLU B 389 -6.36 -9.27 2.82
C GLU B 389 -6.94 -10.60 3.29
N PHE B 390 -7.30 -11.48 2.35
CA PHE B 390 -7.84 -12.78 2.73
C PHE B 390 -6.81 -13.61 3.49
N ARG B 391 -5.56 -13.62 3.02
CA ARG B 391 -4.52 -14.37 3.71
C ARG B 391 -4.26 -13.81 5.11
N LYS B 392 -4.26 -12.49 5.25
CA LYS B 392 -4.06 -11.88 6.56
C LYS B 392 -5.20 -12.23 7.50
N SER B 393 -6.44 -12.17 7.02
CA SER B 393 -7.58 -12.55 7.85
C SER B 393 -7.50 -14.01 8.25
N TRP B 394 -7.10 -14.89 7.33
CA TRP B 394 -6.94 -16.30 7.68
C TRP B 394 -5.85 -16.49 8.73
N GLU B 395 -4.74 -15.77 8.60
CA GLU B 395 -3.66 -15.88 9.58
C GLU B 395 -4.12 -15.41 10.96
N ARG B 396 -4.88 -14.31 11.01
CA ARG B 396 -5.41 -13.86 12.29
C ARG B 396 -6.41 -14.86 12.88
N TRP B 397 -7.24 -15.46 12.02
CA TRP B 397 -8.23 -16.42 12.50
C TRP B 397 -7.60 -17.74 12.93
N ARG B 398 -6.41 -18.08 12.41
CA ARG B 398 -5.77 -19.33 12.78
C ARG B 398 -5.45 -19.38 14.28
N LEU B 399 -4.90 -18.31 14.82
CA LEU B 399 -4.54 -18.27 16.23
C LEU B 399 -5.67 -17.80 17.13
N GLU B 400 -6.84 -17.49 16.56
CA GLU B 400 -8.02 -17.08 17.32
C GLU B 400 -7.75 -15.89 18.23
N THR C 4 -26.41 12.90 21.50
CA THR C 4 -25.50 13.06 22.62
C THR C 4 -26.18 13.76 23.79
N LEU C 5 -25.38 14.25 24.74
CA LEU C 5 -25.89 15.00 25.88
C LEU C 5 -25.84 16.51 25.65
N SER C 6 -25.57 16.95 24.42
CA SER C 6 -25.53 18.36 24.06
C SER C 6 -24.45 19.11 24.84
N ALA C 7 -24.37 20.42 24.62
CA ALA C 7 -23.38 21.28 25.26
C ALA C 7 -21.96 20.73 25.06
N GLU C 8 -21.37 20.16 26.12
CA GLU C 8 -20.00 19.69 26.03
C GLU C 8 -19.83 18.62 24.96
N ASP C 9 -20.71 17.63 24.95
CA ASP C 9 -20.64 16.60 23.91
C ASP C 9 -21.06 17.13 22.55
N LYS C 10 -21.70 18.30 22.50
CA LYS C 10 -21.89 18.99 21.23
C LYS C 10 -20.77 19.97 20.93
N ALA C 11 -20.00 20.36 21.95
CA ALA C 11 -18.83 21.20 21.71
C ALA C 11 -17.61 20.38 21.31
N ALA C 12 -17.66 19.06 21.53
CA ALA C 12 -16.56 18.18 21.15
C ALA C 12 -16.72 17.62 19.74
N VAL C 13 -17.81 16.93 19.47
CA VAL C 13 -18.03 16.37 18.12
C VAL C 13 -18.07 17.43 17.04
N GLU C 14 -18.50 18.65 17.38
CA GLU C 14 -18.35 19.75 16.44
C GLU C 14 -16.89 20.15 16.26
N ARG C 15 -16.15 20.30 17.36
CA ARG C 15 -14.75 20.69 17.28
C ARG C 15 -13.97 19.71 16.43
N SER C 16 -14.16 18.41 16.67
CA SER C 16 -13.53 17.39 15.83
C SER C 16 -13.91 17.57 14.37
N LYS C 17 -15.19 17.81 14.10
CA LYS C 17 -15.65 18.04 12.73
C LYS C 17 -15.12 19.35 12.15
N MET C 18 -14.62 20.25 12.99
CA MET C 18 -13.90 21.42 12.51
C MET C 18 -12.43 21.14 12.26
N ILE C 19 -11.88 20.11 12.91
CA ILE C 19 -10.52 19.69 12.63
C ILE C 19 -10.49 18.76 11.43
N GLU C 20 -11.37 17.76 11.42
CA GLU C 20 -11.42 16.77 10.35
C GLU C 20 -11.68 17.39 8.99
N LYS C 21 -12.27 18.59 8.95
CA LYS C 21 -12.39 19.35 7.70
C LYS C 21 -11.08 19.99 7.29
N GLN C 22 -10.39 20.66 8.23
CA GLN C 22 -9.11 21.28 7.90
C GLN C 22 -8.09 20.24 7.49
N LEU C 23 -8.10 19.09 8.16
CA LEU C 23 -7.27 17.97 7.73
C LEU C 23 -7.59 17.59 6.29
N GLN C 24 -8.87 17.56 5.94
CA GLN C 24 -9.25 17.25 4.56
C GLN C 24 -8.74 18.30 3.59
N LYS C 25 -8.53 19.52 4.07
CA LYS C 25 -7.91 20.55 3.25
C LYS C 25 -6.40 20.34 3.14
N ASP C 26 -5.78 19.83 4.21
CA ASP C 26 -4.35 19.59 4.19
C ASP C 26 -3.97 18.37 3.36
N LYS C 27 -4.74 17.29 3.47
CA LYS C 27 -4.46 16.09 2.67
C LYS C 27 -4.40 16.41 1.19
N GLN C 28 -5.31 17.28 0.72
CA GLN C 28 -5.34 17.63 -0.70
C GLN C 28 -4.05 18.27 -1.16
N VAL C 29 -3.29 18.89 -0.27
CA VAL C 29 -2.01 19.45 -0.67
C VAL C 29 -0.85 18.50 -0.36
N TYR C 30 -1.07 17.53 0.53
CA TYR C 30 -0.02 16.55 0.80
C TYR C 30 0.07 15.52 -0.31
N ARG C 31 -1.07 15.16 -0.90
CA ARG C 31 -1.09 14.17 -1.97
C ARG C 31 -0.74 14.76 -3.32
N ALA C 32 -0.75 16.08 -3.46
CA ALA C 32 -0.47 16.74 -4.73
C ALA C 32 0.98 17.16 -4.87
N THR C 33 1.82 16.88 -3.88
CA THR C 33 3.24 17.24 -3.93
C THR C 33 4.08 15.97 -3.83
N HIS C 34 5.26 16.02 -4.44
CA HIS C 34 6.16 14.88 -4.50
C HIS C 34 7.41 15.18 -3.68
N ARG C 35 7.70 14.32 -2.70
CA ARG C 35 8.86 14.48 -1.84
C ARG C 35 10.02 13.64 -2.37
N LEU C 36 11.19 14.24 -2.43
CA LEU C 36 12.40 13.60 -2.94
C LEU C 36 13.50 13.72 -1.91
N LEU C 37 14.38 12.73 -1.87
CA LEU C 37 15.51 12.73 -0.94
C LEU C 37 16.81 12.86 -1.70
N LEU C 38 17.57 13.92 -1.41
CA LEU C 38 18.82 14.20 -2.11
C LEU C 38 19.97 13.56 -1.35
N LEU C 39 20.76 12.73 -2.05
CA LEU C 39 21.88 12.03 -1.44
C LEU C 39 23.11 12.17 -2.33
N GLY C 40 24.26 12.14 -1.69
CA GLY C 40 25.54 12.24 -2.36
C GLY C 40 26.64 12.61 -1.39
N ALA C 41 27.88 12.44 -1.84
CA ALA C 41 29.02 12.78 -1.02
C ALA C 41 29.31 14.28 -1.10
N ASP C 42 30.27 14.73 -0.28
CA ASP C 42 30.61 16.14 -0.25
C ASP C 42 31.23 16.63 -1.54
N ASN C 43 31.84 15.74 -2.32
CA ASN C 43 32.41 16.09 -3.61
C ASN C 43 31.46 15.83 -4.78
N SER C 44 30.26 15.34 -4.51
CA SER C 44 29.32 15.02 -5.58
C SER C 44 28.82 16.29 -6.26
N GLY C 45 28.46 17.29 -5.48
CA GLY C 45 27.94 18.52 -6.04
C GLY C 45 26.44 18.68 -5.85
N LYS C 46 25.91 18.19 -4.72
CA LYS C 46 24.49 18.36 -4.45
C LYS C 46 24.16 19.84 -4.27
N SER C 47 25.09 20.61 -3.68
CA SER C 47 24.82 22.02 -3.44
C SER C 47 24.63 22.79 -4.73
N THR C 48 25.48 22.55 -5.73
CA THR C 48 25.34 23.23 -7.01
C THR C 48 24.04 22.84 -7.69
N ILE C 49 23.68 21.56 -7.65
CA ILE C 49 22.44 21.10 -8.27
C ILE C 49 21.25 21.75 -7.59
N VAL C 50 21.23 21.80 -6.26
CA VAL C 50 20.11 22.38 -5.54
C VAL C 50 20.08 23.90 -5.70
N LYS C 51 21.22 24.52 -6.01
CA LYS C 51 21.22 25.95 -6.32
C LYS C 51 20.65 26.22 -7.70
N GLN C 52 20.98 25.36 -8.68
CA GLN C 52 20.47 25.56 -10.03
C GLN C 52 18.96 25.34 -10.11
N MET C 53 18.42 24.43 -9.30
CA MET C 53 16.98 24.17 -9.30
C MET C 53 16.23 24.98 -8.26
N ARG C 54 16.91 25.86 -7.52
CA ARG C 54 16.20 26.78 -6.63
C ARG C 54 15.38 27.77 -7.43
N ILE C 55 15.90 28.22 -8.57
CA ILE C 55 15.27 29.27 -9.36
C ILE C 55 13.93 28.86 -9.94
N TYR C 56 13.59 27.57 -9.94
CA TYR C 56 12.30 27.14 -10.47
C TYR C 56 11.16 27.61 -9.57
N HIS C 57 11.16 27.16 -8.32
CA HIS C 57 10.16 27.56 -7.32
C HIS C 57 8.72 27.41 -7.82
N GLN C 171 10.54 36.08 14.83
CA GLN C 171 9.43 36.92 14.40
C GLN C 171 9.55 37.22 12.90
N GLN C 172 10.79 37.16 12.42
CA GLN C 172 11.07 37.39 11.01
C GLN C 172 10.45 36.29 10.16
N ASP C 173 9.82 36.68 9.05
CA ASP C 173 9.20 35.71 8.16
C ASP C 173 10.25 34.99 7.32
N VAL C 174 11.00 35.73 6.53
CA VAL C 174 12.03 35.16 5.66
C VAL C 174 13.31 35.06 6.50
N LEU C 175 13.43 33.96 7.23
CA LEU C 175 14.60 33.70 8.07
C LEU C 175 15.65 33.02 7.21
N ARG C 176 16.55 33.83 6.66
CA ARG C 176 17.62 33.31 5.79
C ARG C 176 18.90 33.05 6.58
N THR C 177 18.76 32.44 7.75
CA THR C 177 19.91 32.06 8.55
C THR C 177 19.86 30.64 9.09
N ARG C 178 18.68 30.03 9.19
CA ARG C 178 18.50 28.67 9.70
C ARG C 178 19.15 28.60 11.10
N VAL C 179 19.74 27.45 11.43
CA VAL C 179 20.49 27.29 12.67
C VAL C 179 21.85 26.70 12.31
N LYS C 180 22.83 26.93 13.20
CA LYS C 180 24.15 26.35 12.99
C LYS C 180 24.09 24.83 12.95
N THR C 181 23.12 24.23 13.63
CA THR C 181 22.87 22.80 13.60
C THR C 181 21.42 22.61 13.15
N SER C 182 21.22 22.59 11.82
CA SER C 182 19.88 22.50 11.25
C SER C 182 19.41 21.05 11.13
N GLY C 183 20.19 20.22 10.44
CA GLY C 183 19.87 18.81 10.34
C GLY C 183 19.21 18.43 9.03
N ILE C 184 18.30 19.28 8.55
CA ILE C 184 17.59 19.01 7.30
C ILE C 184 17.40 20.33 6.56
N PHE C 185 17.47 20.27 5.24
CA PHE C 185 17.29 21.43 4.37
C PHE C 185 16.20 21.14 3.35
N GLU C 186 15.30 22.10 3.19
CA GLU C 186 14.14 21.98 2.31
C GLU C 186 14.35 22.84 1.08
N THR C 187 13.93 22.31 -0.08
CA THR C 187 14.03 23.03 -1.34
C THR C 187 12.78 22.75 -2.16
N LYS C 188 11.91 23.74 -2.27
CA LYS C 188 10.67 23.60 -3.01
C LYS C 188 10.84 24.19 -4.39
N PHE C 189 10.61 23.38 -5.42
CA PHE C 189 10.67 23.87 -6.80
C PHE C 189 9.47 23.33 -7.56
N GLN C 190 8.96 24.12 -8.48
CA GLN C 190 7.73 23.83 -9.21
C GLN C 190 8.03 23.69 -10.69
N VAL C 191 7.67 22.56 -11.27
CA VAL C 191 7.83 22.31 -12.70
C VAL C 191 6.48 21.91 -13.27
N ASP C 192 5.94 22.76 -14.15
CA ASP C 192 4.62 22.54 -14.75
C ASP C 192 3.55 22.37 -13.67
N LYS C 193 3.69 23.12 -12.58
CA LYS C 193 2.73 23.11 -11.47
C LYS C 193 2.59 21.71 -10.87
N VAL C 194 3.69 21.21 -10.30
CA VAL C 194 3.68 19.91 -9.63
C VAL C 194 4.18 20.06 -8.20
N ASN C 195 5.00 21.08 -7.95
CA ASN C 195 5.44 21.45 -6.61
C ASN C 195 6.21 20.30 -5.94
N PHE C 196 7.38 20.01 -6.51
CA PHE C 196 8.30 19.07 -5.90
C PHE C 196 8.96 19.68 -4.66
N HIS C 197 9.15 18.83 -3.65
CA HIS C 197 9.90 19.13 -2.44
C HIS C 197 11.14 18.26 -2.46
N MET C 198 12.30 18.83 -2.13
CA MET C 198 13.54 18.07 -2.05
C MET C 198 14.17 18.29 -0.68
N PHE C 199 14.55 17.19 -0.03
CA PHE C 199 15.08 17.23 1.32
C PHE C 199 16.52 16.75 1.29
N ASP C 200 17.42 17.56 1.83
CA ASP C 200 18.84 17.25 1.90
C ASP C 200 19.28 17.24 3.35
N VAL C 201 19.81 16.11 3.82
CA VAL C 201 20.21 16.00 5.21
C VAL C 201 21.42 16.88 5.46
N GLY C 202 21.38 17.63 6.56
CA GLY C 202 22.43 18.57 6.89
C GLY C 202 23.29 18.12 8.04
N ALA C 203 23.05 18.69 9.23
CA ALA C 203 23.86 18.40 10.41
C ALA C 203 23.44 17.06 10.99
N GLN C 204 23.98 16.00 10.41
CA GLN C 204 23.73 14.63 10.86
C GLN C 204 25.05 13.89 10.95
N ARG C 205 25.07 12.85 11.78
CA ARG C 205 26.28 12.09 12.00
C ARG C 205 26.58 11.19 10.80
N ASP C 206 27.75 10.56 10.85
CA ASP C 206 28.21 9.70 9.76
C ASP C 206 27.35 8.46 9.58
N GLU C 207 26.58 8.08 10.60
CA GLU C 207 25.80 6.85 10.57
C GLU C 207 24.37 7.16 10.15
N ARG C 208 23.92 6.54 9.05
CA ARG C 208 22.61 6.82 8.47
C ARG C 208 21.66 5.63 8.53
N ARG C 209 21.98 4.58 9.27
CA ARG C 209 21.14 3.39 9.27
C ARG C 209 19.83 3.60 10.03
N LYS C 210 19.67 4.71 10.74
CA LYS C 210 18.50 4.95 11.55
C LYS C 210 17.60 6.07 11.05
N TRP C 211 18.17 7.19 10.60
CA TRP C 211 17.34 8.27 10.08
C TRP C 211 16.97 8.10 8.61
N ILE C 212 17.60 7.16 7.90
CA ILE C 212 17.26 6.95 6.50
C ILE C 212 16.03 6.09 6.31
N GLN C 213 15.57 5.41 7.35
CA GLN C 213 14.34 4.64 7.24
C GLN C 213 13.10 5.50 7.42
N CYS C 214 13.26 6.78 7.74
CA CYS C 214 12.13 7.69 7.76
C CYS C 214 11.76 8.17 6.37
N PHE C 215 12.65 8.02 5.39
CA PHE C 215 12.35 8.32 4.00
C PHE C 215 11.86 7.07 3.26
N ASN C 216 10.87 6.39 3.82
CA ASN C 216 10.39 5.15 3.23
C ASN C 216 9.17 5.35 2.33
N ASP C 217 8.45 6.46 2.48
CA ASP C 217 7.38 6.84 1.56
C ASP C 217 7.78 8.17 0.94
N VAL C 218 8.60 8.07 -0.11
CA VAL C 218 9.14 9.23 -0.82
C VAL C 218 9.10 8.92 -2.30
N THR C 219 8.76 9.92 -3.11
CA THR C 219 8.58 9.66 -4.54
C THR C 219 9.87 9.17 -5.18
N ALA C 220 11.00 9.77 -4.83
CA ALA C 220 12.25 9.37 -5.46
C ALA C 220 13.44 9.76 -4.60
N ILE C 221 14.50 8.98 -4.72
CA ILE C 221 15.79 9.30 -4.13
C ILE C 221 16.72 9.74 -5.24
N ILE C 222 17.15 10.99 -5.19
CA ILE C 222 18.07 11.55 -6.17
C ILE C 222 19.48 11.34 -5.65
N PHE C 223 20.20 10.39 -6.25
CA PHE C 223 21.55 10.04 -5.86
C PHE C 223 22.51 10.69 -6.85
N VAL C 224 23.37 11.57 -6.36
CA VAL C 224 24.35 12.26 -7.21
C VAL C 224 25.73 11.77 -6.84
N VAL C 225 26.54 11.48 -7.85
CA VAL C 225 27.91 11.00 -7.64
C VAL C 225 28.85 11.87 -8.48
N ASP C 226 30.09 12.01 -8.01
CA ASP C 226 31.14 12.69 -8.75
C ASP C 226 31.81 11.64 -9.64
N SER C 227 31.33 11.52 -10.88
CA SER C 227 31.85 10.51 -11.79
C SER C 227 33.29 10.77 -12.18
N SER C 228 33.78 12.01 -12.04
CA SER C 228 35.14 12.34 -12.39
C SER C 228 36.16 11.88 -11.35
N ASP C 229 35.72 11.45 -10.18
CA ASP C 229 36.60 11.05 -9.09
C ASP C 229 36.59 9.53 -8.99
N TYR C 230 37.60 8.89 -9.59
CA TYR C 230 37.73 7.45 -9.46
C TYR C 230 38.35 7.03 -8.14
N ASN C 231 38.92 7.97 -7.38
CA ASN C 231 39.51 7.61 -6.10
C ASN C 231 38.45 7.09 -5.13
N ARG C 232 37.27 7.70 -5.12
CA ARG C 232 36.18 7.30 -4.24
C ARG C 232 34.92 7.01 -5.04
N LEU C 233 35.08 6.39 -6.21
CA LEU C 233 33.92 5.90 -6.95
C LEU C 233 33.37 4.62 -6.35
N GLN C 234 34.24 3.77 -5.79
CA GLN C 234 33.76 2.57 -5.13
C GLN C 234 32.95 2.90 -3.88
N GLU C 235 33.26 4.01 -3.21
CA GLU C 235 32.42 4.45 -2.10
C GLU C 235 31.02 4.79 -2.57
N ALA C 236 30.91 5.48 -3.69
CA ALA C 236 29.60 5.78 -4.28
C ALA C 236 28.87 4.51 -4.67
N LEU C 237 29.57 3.55 -5.29
CA LEU C 237 28.93 2.28 -5.61
C LEU C 237 28.47 1.55 -4.35
N ASN C 238 29.26 1.64 -3.27
CA ASN C 238 28.93 0.92 -2.04
C ASN C 238 27.69 1.49 -1.37
N ASP C 239 27.61 2.82 -1.22
CA ASP C 239 26.40 3.32 -0.56
C ASP C 239 25.20 3.29 -1.51
N PHE C 240 25.41 3.31 -2.83
CA PHE C 240 24.30 3.04 -3.73
C PHE C 240 23.78 1.61 -3.55
N LYS C 241 24.68 0.65 -3.39
CA LYS C 241 24.27 -0.72 -3.11
C LYS C 241 23.51 -0.81 -1.78
N SER C 242 24.00 -0.11 -0.75
CA SER C 242 23.34 -0.14 0.55
C SER C 242 21.94 0.47 0.47
N ILE C 243 21.79 1.59 -0.24
CA ILE C 243 20.48 2.21 -0.38
C ILE C 243 19.55 1.31 -1.19
N TRP C 244 20.05 0.72 -2.27
CA TRP C 244 19.22 -0.11 -3.13
C TRP C 244 18.68 -1.32 -2.39
N ASN C 245 19.54 -2.05 -1.70
CA ASN C 245 19.17 -3.28 -1.02
C ASN C 245 18.79 -3.03 0.44
N ASN C 246 17.88 -2.11 0.69
CA ASN C 246 17.42 -1.81 2.03
C ASN C 246 15.99 -2.30 2.21
N ARG C 247 15.68 -2.74 3.43
CA ARG C 247 14.36 -3.31 3.69
C ARG C 247 13.26 -2.27 3.56
N TRP C 248 13.56 -1.00 3.87
CA TRP C 248 12.56 0.06 3.86
C TRP C 248 12.60 0.92 2.61
N LEU C 249 13.67 0.82 1.81
CA LEU C 249 13.78 1.53 0.55
C LEU C 249 13.76 0.59 -0.65
N ARG C 250 13.24 -0.62 -0.48
CA ARG C 250 13.20 -1.60 -1.55
C ARG C 250 12.07 -1.34 -2.53
N THR C 251 11.20 -0.37 -2.27
CA THR C 251 10.16 0.02 -3.20
C THR C 251 10.33 1.46 -3.68
N ILE C 252 11.41 2.12 -3.29
CA ILE C 252 11.69 3.50 -3.70
C ILE C 252 12.71 3.46 -4.82
N SER C 253 12.39 4.12 -5.93
CA SER C 253 13.26 4.15 -7.10
C SER C 253 14.19 5.35 -7.04
N VAL C 254 15.35 5.22 -7.70
CA VAL C 254 16.45 6.15 -7.57
C VAL C 254 16.66 6.86 -8.90
N ILE C 255 16.70 8.19 -8.85
CA ILE C 255 17.09 9.02 -9.99
C ILE C 255 18.57 9.30 -9.85
N LEU C 256 19.38 8.67 -10.69
CA LEU C 256 20.84 8.74 -10.55
C LEU C 256 21.40 9.85 -11.44
N PHE C 257 22.14 10.76 -10.84
CA PHE C 257 22.84 11.83 -11.56
C PHE C 257 24.33 11.56 -11.49
N LEU C 258 24.97 11.42 -12.64
CA LEU C 258 26.42 11.24 -12.71
C LEU C 258 27.03 12.62 -12.98
N ASN C 259 27.25 13.35 -11.90
CA ASN C 259 27.59 14.76 -11.99
C ASN C 259 29.01 14.95 -12.51
N LYS C 260 29.29 16.17 -12.95
CA LYS C 260 30.63 16.61 -13.37
C LYS C 260 31.14 15.75 -14.54
N GLN C 261 30.38 15.78 -15.63
CA GLN C 261 30.80 15.08 -16.84
C GLN C 261 31.90 15.84 -17.59
N ASP C 262 31.90 17.17 -17.51
CA ASP C 262 32.98 17.93 -18.14
C ASP C 262 34.33 17.64 -17.48
N LEU C 263 34.35 17.54 -16.15
CA LEU C 263 35.59 17.19 -15.46
C LEU C 263 36.05 15.80 -15.85
N LEU C 264 35.12 14.85 -15.97
CA LEU C 264 35.49 13.50 -16.40
C LEU C 264 36.05 13.50 -17.81
N ALA C 265 35.43 14.27 -18.71
CA ALA C 265 35.92 14.35 -20.08
C ALA C 265 37.31 14.96 -20.13
N GLU C 266 37.55 16.02 -19.34
CA GLU C 266 38.87 16.63 -19.30
C GLU C 266 39.90 15.64 -18.74
N LYS C 267 39.53 14.90 -17.69
CA LYS C 267 40.44 13.92 -17.12
C LYS C 267 40.79 12.83 -18.12
N VAL C 268 39.80 12.38 -18.90
CA VAL C 268 40.05 11.33 -19.89
C VAL C 268 40.94 11.87 -21.01
N LEU C 269 40.62 13.07 -21.52
CA LEU C 269 41.37 13.62 -22.63
C LEU C 269 42.82 13.92 -22.25
N ALA C 270 43.02 14.54 -21.09
CA ALA C 270 44.36 14.97 -20.71
C ALA C 270 45.29 13.80 -20.43
N GLY C 271 44.76 12.59 -20.28
CA GLY C 271 45.60 11.45 -19.98
C GLY C 271 46.12 11.49 -18.55
N LYS C 272 47.13 10.67 -18.30
CA LYS C 272 47.74 10.53 -16.98
C LYS C 272 46.72 10.20 -15.90
N SER C 273 45.73 9.37 -16.26
CA SER C 273 44.67 8.97 -15.36
C SER C 273 44.72 7.48 -15.03
N LYS C 274 44.74 6.62 -16.06
CA LYS C 274 44.81 5.17 -15.89
C LYS C 274 43.65 4.66 -15.03
N ILE C 275 42.43 4.84 -15.56
CA ILE C 275 41.23 4.39 -14.86
C ILE C 275 41.23 2.89 -14.64
N GLU C 276 41.97 2.13 -15.45
CA GLU C 276 41.92 0.67 -15.38
C GLU C 276 42.42 0.12 -14.06
N ASP C 277 43.25 0.87 -13.32
CA ASP C 277 43.78 0.33 -12.07
C ASP C 277 42.73 0.38 -10.95
N TYR C 278 41.89 1.42 -10.93
CA TYR C 278 40.83 1.47 -9.94
C TYR C 278 39.79 0.38 -10.19
N PHE C 279 39.40 0.20 -11.45
CA PHE C 279 38.46 -0.86 -11.84
C PHE C 279 39.13 -1.75 -12.89
N PRO C 280 39.58 -2.95 -12.51
CA PRO C 280 40.27 -3.80 -13.48
C PRO C 280 39.30 -4.52 -14.42
N GLU C 281 38.33 -3.78 -14.95
CA GLU C 281 37.41 -4.31 -15.95
C GLU C 281 37.25 -3.39 -17.14
N PHE C 282 37.87 -2.21 -17.12
CA PHE C 282 37.79 -1.29 -18.24
C PHE C 282 38.47 -1.83 -19.49
N ALA C 283 39.40 -2.77 -19.34
CA ALA C 283 40.07 -3.34 -20.50
C ALA C 283 39.11 -4.18 -21.34
N ARG C 284 38.35 -5.06 -20.69
CA ARG C 284 37.38 -5.91 -21.39
C ARG C 284 36.00 -5.28 -21.41
N TYR C 285 35.92 -4.03 -21.86
CA TYR C 285 34.66 -3.31 -21.93
C TYR C 285 34.55 -2.60 -23.26
N THR C 286 33.34 -2.61 -23.84
CA THR C 286 33.11 -1.95 -25.13
C THR C 286 31.89 -1.06 -25.03
N THR C 287 31.95 0.13 -25.63
CA THR C 287 30.85 1.09 -25.54
C THR C 287 29.56 0.39 -25.87
N PRO C 288 28.51 0.51 -25.03
CA PRO C 288 27.23 -0.08 -25.36
C PRO C 288 26.72 0.46 -26.68
N GLU C 289 26.16 -0.42 -27.51
CA GLU C 289 25.68 0.00 -28.86
C GLU C 289 24.62 1.10 -28.71
N ASP C 290 23.83 1.07 -27.64
CA ASP C 290 22.73 2.05 -27.47
C ASP C 290 23.30 3.45 -27.17
N ALA C 291 24.62 3.57 -27.17
CA ALA C 291 25.26 4.87 -26.86
C ALA C 291 24.61 5.98 -27.64
N THR C 292 24.32 7.10 -26.98
CA THR C 292 23.77 8.28 -27.68
C THR C 292 24.68 9.43 -27.39
N PRO C 293 25.90 9.48 -27.97
CA PRO C 293 26.86 10.50 -27.60
C PRO C 293 26.69 11.83 -28.30
N GLU C 294 27.08 12.92 -27.62
CA GLU C 294 27.05 14.23 -28.26
C GLU C 294 27.96 14.20 -29.49
N PRO C 295 27.61 14.93 -30.55
CA PRO C 295 28.46 14.91 -31.76
C PRO C 295 29.93 15.23 -31.49
N GLY C 296 30.21 16.18 -30.59
CA GLY C 296 31.58 16.41 -30.19
C GLY C 296 31.94 15.65 -28.94
N GLU C 297 32.57 14.49 -29.10
CA GLU C 297 32.93 13.66 -27.96
C GLU C 297 33.95 12.61 -28.41
N ASP C 298 35.07 12.54 -27.70
CA ASP C 298 36.04 11.48 -27.96
C ASP C 298 35.44 10.12 -27.60
N PRO C 299 35.74 9.07 -28.35
CA PRO C 299 35.24 7.74 -27.99
C PRO C 299 35.68 7.28 -26.62
N ARG C 300 36.87 7.67 -26.15
CA ARG C 300 37.31 7.30 -24.81
C ARG C 300 36.41 7.90 -23.75
N VAL C 301 35.98 9.15 -23.94
CA VAL C 301 35.08 9.79 -22.99
C VAL C 301 33.76 9.03 -22.91
N THR C 302 33.21 8.65 -24.07
CA THR C 302 31.97 7.89 -24.09
C THR C 302 32.16 6.54 -23.40
N ARG C 303 33.30 5.88 -23.64
CA ARG C 303 33.55 4.60 -23.01
C ARG C 303 33.60 4.73 -21.49
N ALA C 304 34.30 5.74 -20.98
CA ALA C 304 34.37 5.93 -19.53
C ALA C 304 33.00 6.27 -18.94
N LYS C 305 32.27 7.18 -19.59
CA LYS C 305 30.94 7.55 -19.12
C LYS C 305 30.04 6.33 -19.00
N TYR C 306 29.95 5.55 -20.08
CA TYR C 306 29.08 4.39 -20.06
C TYR C 306 29.61 3.27 -19.20
N PHE C 307 30.93 3.21 -18.95
CA PHE C 307 31.45 2.23 -18.01
C PHE C 307 30.98 2.53 -16.60
N ILE C 308 31.07 3.79 -16.17
CA ILE C 308 30.56 4.14 -14.85
C ILE C 308 29.05 3.95 -14.77
N ARG C 309 28.34 4.35 -15.83
CA ARG C 309 26.90 4.18 -15.86
C ARG C 309 26.51 2.71 -15.74
N ASP C 310 27.21 1.82 -16.45
CA ASP C 310 26.93 0.40 -16.35
C ASP C 310 27.39 -0.20 -15.04
N GLU C 311 28.41 0.40 -14.41
CA GLU C 311 28.78 -0.04 -13.06
C GLU C 311 27.63 0.17 -12.10
N PHE C 312 26.95 1.31 -12.20
CA PHE C 312 25.76 1.51 -11.35
C PHE C 312 24.58 0.65 -11.82
N LEU C 313 24.44 0.45 -13.14
CA LEU C 313 23.31 -0.33 -13.63
C LEU C 313 23.42 -1.79 -13.27
N ARG C 314 24.64 -2.32 -13.13
CA ARG C 314 24.77 -3.71 -12.72
C ARG C 314 24.37 -3.93 -11.26
N ILE C 315 24.52 -2.90 -10.42
CA ILE C 315 23.97 -2.98 -9.07
C ILE C 315 22.45 -2.88 -9.12
N SER C 316 21.92 -1.96 -9.92
CA SER C 316 20.46 -1.77 -9.93
C SER C 316 19.74 -2.99 -10.48
N THR C 317 20.22 -3.55 -11.59
CA THR C 317 19.53 -4.69 -12.21
C THR C 317 19.59 -5.92 -11.33
N ALA C 318 20.76 -6.20 -10.75
CA ALA C 318 20.87 -7.31 -9.81
C ALA C 318 19.97 -7.04 -8.61
N SER C 319 19.11 -8.01 -8.29
CA SER C 319 18.06 -7.83 -7.28
C SER C 319 17.14 -6.68 -7.64
N GLY C 320 16.27 -6.29 -6.72
CA GLY C 320 15.33 -5.22 -6.95
C GLY C 320 13.98 -5.65 -7.48
N ASP C 321 13.88 -6.86 -8.04
CA ASP C 321 12.64 -7.43 -8.55
C ASP C 321 12.10 -6.47 -9.60
N GLY C 322 10.93 -5.87 -9.42
CA GLY C 322 10.43 -4.91 -10.38
C GLY C 322 9.66 -3.78 -9.72
N ARG C 323 9.88 -3.60 -8.42
CA ARG C 323 9.15 -2.58 -7.67
C ARG C 323 9.78 -1.20 -7.76
N HIS C 324 11.08 -1.12 -8.01
CA HIS C 324 11.75 0.16 -8.17
C HIS C 324 12.81 0.04 -9.26
N TYR C 325 13.16 1.17 -9.85
CA TYR C 325 14.05 1.22 -10.99
C TYR C 325 15.08 2.33 -10.80
N CYS C 326 15.98 2.46 -11.76
CA CYS C 326 17.03 3.46 -11.74
C CYS C 326 16.97 4.29 -13.02
N TYR C 327 17.11 5.60 -12.88
CA TYR C 327 17.04 6.54 -14.00
C TYR C 327 18.35 7.33 -14.04
N PRO C 328 19.36 6.83 -14.76
CA PRO C 328 20.65 7.53 -14.79
C PRO C 328 20.68 8.65 -15.83
N HIS C 329 21.35 9.75 -15.47
CA HIS C 329 21.50 10.90 -16.34
C HIS C 329 22.93 11.41 -16.24
N PHE C 330 23.36 12.14 -17.28
CA PHE C 330 24.67 12.77 -17.32
C PHE C 330 24.47 14.28 -17.26
N THR C 331 24.78 14.88 -16.10
CA THR C 331 24.60 16.31 -15.88
C THR C 331 25.93 16.89 -15.39
N CYS C 332 26.62 17.65 -16.24
CA CYS C 332 28.00 17.98 -15.91
C CYS C 332 28.12 19.18 -14.97
N SER C 333 27.88 20.39 -15.49
CA SER C 333 27.97 21.58 -14.63
C SER C 333 26.94 22.65 -14.92
N VAL C 334 26.37 22.72 -16.12
CA VAL C 334 25.53 23.83 -16.54
C VAL C 334 24.16 23.36 -17.01
N ASP C 335 23.83 22.10 -16.78
CA ASP C 335 22.53 21.57 -17.18
C ASP C 335 21.44 22.24 -16.35
N THR C 336 20.63 23.08 -16.99
CA THR C 336 19.49 23.71 -16.35
C THR C 336 18.22 22.88 -16.44
N GLU C 337 18.28 21.74 -17.11
CA GLU C 337 17.10 20.89 -17.31
C GLU C 337 17.02 19.76 -16.29
N ASN C 338 17.80 19.82 -15.22
CA ASN C 338 17.74 18.78 -14.21
C ASN C 338 16.37 18.73 -13.54
N ALA C 339 15.72 19.88 -13.36
CA ALA C 339 14.37 19.89 -12.82
C ALA C 339 13.40 19.19 -13.76
N ARG C 340 13.54 19.40 -15.07
CA ARG C 340 12.69 18.69 -16.03
C ARG C 340 13.02 17.20 -16.07
N ARG C 341 14.29 16.83 -15.91
CA ARG C 341 14.65 15.42 -15.81
C ARG C 341 13.97 14.77 -14.62
N ILE C 342 14.00 15.43 -13.46
CA ILE C 342 13.33 14.92 -12.27
C ILE C 342 11.83 14.84 -12.52
N PHE C 343 11.26 15.84 -13.19
CA PHE C 343 9.83 15.82 -13.50
C PHE C 343 9.48 14.59 -14.33
N ASN C 344 10.24 14.34 -15.39
CA ASN C 344 9.95 13.20 -16.26
C ASN C 344 10.10 11.88 -15.52
N ASP C 345 11.16 11.73 -14.73
CA ASP C 345 11.35 10.49 -14.00
C ASP C 345 10.27 10.26 -12.97
N CYS C 346 9.85 11.31 -12.25
CA CYS C 346 8.78 11.17 -11.28
C CYS C 346 7.45 10.86 -11.96
N ARG C 347 7.18 11.46 -13.11
CA ARG C 347 5.98 11.12 -13.86
C ARG C 347 5.98 9.66 -14.26
N ASP C 348 7.12 9.16 -14.75
CA ASP C 348 7.23 7.75 -15.10
C ASP C 348 7.02 6.86 -13.89
N ILE C 349 7.61 7.22 -12.75
CA ILE C 349 7.45 6.43 -11.53
C ILE C 349 5.99 6.35 -11.13
N ILE C 350 5.32 7.50 -11.12
CA ILE C 350 3.94 7.56 -10.65
C ILE C 350 3.01 6.77 -11.57
N GLN C 351 3.14 6.96 -12.88
CA GLN C 351 2.25 6.22 -13.76
C GLN C 351 2.60 4.74 -13.85
N ARG C 352 3.86 4.35 -13.65
CA ARG C 352 4.21 2.94 -13.52
C ARG C 352 3.57 2.33 -12.28
N MET C 353 3.58 3.04 -11.15
CA MET C 353 2.88 2.54 -9.97
C MET C 353 1.39 2.42 -10.22
N HIS C 354 0.79 3.39 -10.90
CA HIS C 354 -0.64 3.33 -11.19
C HIS C 354 -0.97 2.13 -12.08
N LEU C 355 -0.14 1.86 -13.08
CA LEU C 355 -0.32 0.66 -13.89
C LEU C 355 -0.16 -0.60 -13.07
N ARG C 356 0.80 -0.62 -12.14
CA ARG C 356 0.98 -1.80 -11.30
C ARG C 356 -0.22 -2.03 -10.39
N GLN C 357 -0.92 -0.97 -9.99
CA GLN C 357 -2.13 -1.15 -9.20
C GLN C 357 -3.24 -1.82 -10.01
N TYR C 358 -3.34 -1.49 -11.30
CA TYR C 358 -4.36 -2.06 -12.17
C TYR C 358 -3.92 -3.38 -12.82
N GLU C 359 -2.76 -3.90 -12.44
CA GLU C 359 -2.23 -5.16 -12.96
C GLU C 359 -1.95 -5.12 -14.45
N LEU C 360 -1.87 -3.93 -15.04
CA LEU C 360 -1.57 -3.80 -16.46
C LEU C 360 -0.08 -3.85 -16.75
N LEU C 361 0.76 -3.88 -15.73
CA LEU C 361 2.21 -3.86 -15.91
C LEU C 361 2.91 -4.75 -14.89
N GLU D 8 50.77 6.16 26.83
CA GLU D 8 50.45 5.28 25.70
C GLU D 8 49.00 4.81 25.77
N LEU D 9 48.51 4.28 24.66
CA LEU D 9 47.14 3.77 24.59
C LEU D 9 47.03 2.31 24.98
N ASP D 10 48.11 1.53 24.84
CA ASP D 10 48.06 0.11 25.17
C ASP D 10 47.83 -0.10 26.67
N GLN D 11 48.47 0.71 27.51
CA GLN D 11 48.27 0.59 28.95
C GLN D 11 46.82 0.88 29.33
N LEU D 12 46.23 1.92 28.73
CA LEU D 12 44.84 2.23 29.01
C LEU D 12 43.90 1.15 28.49
N ARG D 13 44.22 0.56 27.33
CA ARG D 13 43.43 -0.57 26.84
C ARG D 13 43.48 -1.74 27.80
N GLN D 14 44.67 -2.05 28.33
CA GLN D 14 44.81 -3.14 29.28
C GLN D 14 44.06 -2.84 30.57
N GLU D 15 44.13 -1.59 31.04
CA GLU D 15 43.39 -1.22 32.24
C GLU D 15 41.88 -1.36 32.03
N ALA D 16 41.39 -0.93 30.87
CA ALA D 16 39.97 -1.08 30.57
C ALA D 16 39.57 -2.55 30.52
N GLU D 17 40.40 -3.39 29.89
CA GLU D 17 40.11 -4.81 29.83
C GLU D 17 40.09 -5.43 31.23
N GLN D 18 41.04 -5.05 32.08
CA GLN D 18 41.07 -5.59 33.44
C GLN D 18 39.84 -5.16 34.23
N LEU D 19 39.44 -3.89 34.11
CA LEU D 19 38.24 -3.42 34.81
C LEU D 19 37.00 -4.14 34.32
N LYS D 20 36.89 -4.34 33.00
CA LYS D 20 35.76 -5.07 32.45
C LYS D 20 35.73 -6.51 32.93
N ASN D 21 36.90 -7.16 32.98
CA ASN D 21 36.97 -8.53 33.49
C ASN D 21 36.55 -8.60 34.95
N GLN D 22 36.99 -7.64 35.76
CA GLN D 22 36.59 -7.60 37.16
C GLN D 22 35.09 -7.41 37.31
N ILE D 23 34.51 -6.51 36.50
CA ILE D 23 33.06 -6.28 36.56
C ILE D 23 32.31 -7.55 36.15
N ARG D 24 32.77 -8.22 35.10
CA ARG D 24 32.11 -9.45 34.67
C ARG D 24 32.20 -10.53 35.74
N ASP D 25 33.36 -10.65 36.39
CA ASP D 25 33.52 -11.64 37.44
C ASP D 25 32.60 -11.33 38.63
N ALA D 26 32.48 -10.06 39.01
CA ALA D 26 31.57 -9.69 40.09
C ALA D 26 30.13 -10.02 39.72
N ARG D 27 29.74 -9.71 38.49
CA ARG D 27 28.38 -10.00 38.04
C ARG D 27 28.10 -11.50 38.05
N LYS D 28 29.08 -12.30 37.61
CA LYS D 28 28.93 -13.75 37.65
C LYS D 28 28.83 -14.26 39.08
N ALA D 29 29.64 -13.70 39.98
CA ALA D 29 29.59 -14.10 41.38
C ALA D 29 28.23 -13.76 42.00
N CYS D 30 27.60 -12.68 41.55
CA CYS D 30 26.29 -12.33 42.06
C CYS D 30 25.16 -13.12 41.42
N ALA D 31 25.44 -13.93 40.40
CA ALA D 31 24.41 -14.68 39.69
C ALA D 31 24.32 -16.11 40.24
N ASP D 32 23.73 -16.21 41.43
CA ASP D 32 23.59 -17.51 42.07
C ASP D 32 22.52 -18.36 41.39
N ALA D 33 21.37 -17.77 41.11
CA ALA D 33 20.25 -18.49 40.52
C ALA D 33 19.54 -17.61 39.50
N THR D 34 19.12 -18.22 38.39
CA THR D 34 18.46 -17.48 37.33
C THR D 34 17.03 -17.12 37.71
N LEU D 35 16.45 -16.19 36.97
CA LEU D 35 15.06 -15.81 37.19
C LEU D 35 14.11 -16.94 36.83
N SER D 36 14.47 -17.79 35.88
CA SER D 36 13.61 -18.91 35.51
C SER D 36 13.45 -19.88 36.67
N GLN D 37 14.55 -20.20 37.35
CA GLN D 37 14.50 -21.17 38.44
C GLN D 37 13.64 -20.67 39.60
N ILE D 38 13.77 -19.38 39.94
CA ILE D 38 12.95 -18.82 41.01
C ILE D 38 11.48 -18.83 40.63
N THR D 39 11.17 -18.47 39.38
CA THR D 39 9.79 -18.36 38.91
C THR D 39 9.35 -19.61 38.15
N ASN D 40 9.96 -20.76 38.45
CA ASN D 40 9.60 -21.99 37.76
C ASN D 40 8.27 -22.57 38.25
N ASN D 41 7.93 -22.32 39.52
CA ASN D 41 6.74 -22.89 40.14
C ASN D 41 5.61 -21.88 40.29
N ILE D 42 5.43 -21.00 39.30
CA ILE D 42 4.39 -19.98 39.35
C ILE D 42 3.31 -20.34 38.33
N ASP D 43 2.09 -19.90 38.60
CA ASP D 43 0.97 -20.19 37.72
C ASP D 43 1.03 -19.30 36.48
N PRO D 44 0.96 -19.87 35.29
CA PRO D 44 0.97 -19.05 34.07
C PRO D 44 -0.29 -18.20 33.97
N VAL D 45 -0.14 -17.08 33.25
CA VAL D 45 -1.27 -16.17 33.04
C VAL D 45 -2.19 -16.63 31.93
N GLY D 46 -1.85 -17.71 31.23
CA GLY D 46 -2.69 -18.20 30.15
C GLY D 46 -2.57 -17.34 28.91
N ARG D 47 -3.54 -17.51 28.02
CA ARG D 47 -3.58 -16.78 26.76
C ARG D 47 -4.30 -15.45 26.98
N ILE D 48 -3.56 -14.35 26.87
CA ILE D 48 -4.14 -13.01 26.99
C ILE D 48 -4.73 -12.63 25.64
N GLN D 49 -6.01 -12.31 25.63
CA GLN D 49 -6.74 -12.00 24.42
C GLN D 49 -7.26 -10.58 24.49
N MET D 50 -6.94 -9.77 23.48
CA MET D 50 -7.37 -8.38 23.41
C MET D 50 -8.07 -8.13 22.08
N ARG D 51 -8.96 -7.14 22.10
CA ARG D 51 -9.70 -6.74 20.91
C ARG D 51 -9.49 -5.25 20.67
N THR D 52 -9.54 -4.86 19.41
CA THR D 52 -9.35 -3.45 19.04
C THR D 52 -10.58 -2.67 19.46
N ARG D 53 -10.55 -2.11 20.67
CA ARG D 53 -11.68 -1.34 21.15
C ARG D 53 -11.91 -0.09 20.32
N ARG D 54 -10.84 0.63 19.98
CA ARG D 54 -10.96 1.86 19.21
C ARG D 54 -9.92 1.90 18.10
N THR D 55 -10.25 2.58 17.02
CA THR D 55 -9.32 2.83 15.92
C THR D 55 -9.36 4.31 15.57
N LEU D 56 -8.22 4.96 15.69
CA LEU D 56 -8.09 6.39 15.47
C LEU D 56 -7.45 6.64 14.11
N ARG D 57 -8.14 7.40 13.26
CA ARG D 57 -7.72 7.67 11.90
C ARG D 57 -7.68 9.18 11.67
N GLY D 58 -6.85 9.59 10.71
CA GLY D 58 -6.71 11.00 10.41
C GLY D 58 -5.31 11.42 10.00
N HIS D 59 -4.33 10.55 10.24
CA HIS D 59 -2.96 10.81 9.82
C HIS D 59 -2.77 10.37 8.37
N LEU D 60 -2.00 11.15 7.62
CA LEU D 60 -1.76 10.86 6.20
C LEU D 60 -0.58 9.93 5.98
N ALA D 61 0.47 10.08 6.77
CA ALA D 61 1.69 9.30 6.62
C ALA D 61 1.90 8.44 7.87
N LYS D 62 3.04 7.76 7.91
CA LYS D 62 3.34 6.84 8.99
C LYS D 62 3.40 7.57 10.33
N ILE D 63 2.89 6.93 11.36
CA ILE D 63 2.95 7.45 12.72
C ILE D 63 4.24 6.99 13.36
N TYR D 64 5.02 7.94 13.89
CA TYR D 64 6.34 7.61 14.40
C TYR D 64 6.41 7.48 15.91
N ALA D 65 5.54 8.17 16.64
CA ALA D 65 5.52 8.05 18.09
C ALA D 65 4.17 8.50 18.62
N MET D 66 3.87 8.10 19.85
CA MET D 66 2.69 8.58 20.54
C MET D 66 2.94 8.48 22.03
N HIS D 67 2.12 9.19 22.80
CA HIS D 67 2.27 9.21 24.25
C HIS D 67 0.92 9.38 24.90
N TRP D 68 0.70 8.64 25.99
CA TRP D 68 -0.55 8.73 26.72
C TRP D 68 -0.51 9.90 27.69
N GLY D 69 -1.65 10.57 27.85
CA GLY D 69 -1.78 11.58 28.88
C GLY D 69 -1.85 10.97 30.26
N THR D 70 -1.58 11.79 31.27
CA THR D 70 -1.65 11.33 32.65
C THR D 70 -3.08 10.94 33.02
N ASP D 71 -4.07 11.66 32.48
CA ASP D 71 -5.47 11.36 32.75
C ASP D 71 -5.92 10.04 32.13
N SER D 72 -5.06 9.36 31.39
CA SER D 72 -5.34 8.05 30.80
C SER D 72 -6.46 8.10 29.77
N ARG D 73 -6.82 9.29 29.30
CA ARG D 73 -7.89 9.45 28.34
C ARG D 73 -7.42 10.09 27.04
N LEU D 74 -6.64 11.17 27.12
CA LEU D 74 -6.14 11.86 25.94
C LEU D 74 -4.75 11.36 25.60
N LEU D 75 -4.45 11.29 24.31
CA LEU D 75 -3.12 10.89 23.87
C LEU D 75 -2.70 11.69 22.64
N VAL D 76 -1.42 12.03 22.57
CA VAL D 76 -0.86 12.77 21.45
C VAL D 76 -0.11 11.80 20.54
N SER D 77 -0.30 11.97 19.23
CA SER D 77 0.37 11.14 18.25
C SER D 77 1.04 12.01 17.21
N ALA D 78 2.23 11.61 16.79
CA ALA D 78 3.04 12.36 15.83
C ALA D 78 3.16 11.56 14.55
N SER D 79 2.90 12.20 13.42
CA SER D 79 3.02 11.54 12.14
C SER D 79 3.92 12.34 11.21
N GLN D 80 4.57 11.64 10.29
CA GLN D 80 5.57 12.24 9.42
C GLN D 80 4.96 13.03 8.26
N ASP D 81 3.65 13.20 8.23
CA ASP D 81 3.05 14.18 7.33
C ASP D 81 3.16 15.60 7.90
N GLY D 82 3.66 15.73 9.13
CA GLY D 82 3.86 17.02 9.75
C GLY D 82 2.72 17.42 10.67
N LYS D 83 2.20 16.46 11.43
CA LYS D 83 1.04 16.71 12.27
C LYS D 83 1.18 16.05 13.63
N LEU D 84 0.80 16.79 14.66
CA LEU D 84 0.58 16.27 16.00
C LEU D 84 -0.92 16.30 16.27
N ILE D 85 -1.51 15.15 16.56
CA ILE D 85 -2.94 15.09 16.82
C ILE D 85 -3.15 14.61 18.25
N ILE D 86 -3.87 15.39 19.04
CA ILE D 86 -4.26 15.02 20.39
C ILE D 86 -5.69 14.51 20.33
N TRP D 87 -5.86 13.23 20.65
CA TRP D 87 -7.12 12.50 20.60
C TRP D 87 -7.67 12.29 22.00
N ASP D 88 -8.99 12.16 22.06
CA ASP D 88 -9.72 11.66 23.23
C ASP D 88 -10.08 10.22 22.91
N SER D 89 -9.29 9.29 23.45
CA SER D 89 -9.46 7.88 23.09
C SER D 89 -10.80 7.31 23.54
N TYR D 90 -11.47 7.93 24.52
CA TYR D 90 -12.77 7.44 24.95
C TYR D 90 -13.78 7.53 23.82
N THR D 91 -13.79 8.65 23.10
CA THR D 91 -14.79 8.89 22.06
C THR D 91 -14.19 9.05 20.66
N THR D 92 -12.87 8.90 20.51
CA THR D 92 -12.18 9.06 19.22
C THR D 92 -12.42 10.45 18.63
N ASN D 93 -12.64 11.44 19.47
CA ASN D 93 -12.85 12.81 19.03
C ASN D 93 -11.51 13.53 19.05
N LYS D 94 -11.11 14.09 17.91
CA LYS D 94 -9.87 14.84 17.85
C LYS D 94 -10.02 16.11 18.67
N VAL D 95 -9.09 16.32 19.60
CA VAL D 95 -9.08 17.52 20.42
C VAL D 95 -8.16 18.59 19.84
N HIS D 96 -6.98 18.19 19.34
CA HIS D 96 -6.08 19.15 18.73
C HIS D 96 -5.43 18.57 17.48
N ALA D 97 -5.09 19.45 16.54
CA ALA D 97 -4.35 19.08 15.33
C ALA D 97 -3.36 20.21 15.04
N ILE D 98 -2.14 20.04 15.54
CA ILE D 98 -1.10 21.06 15.43
C ILE D 98 -0.23 20.75 14.23
N PRO D 99 -0.11 21.66 13.26
CA PRO D 99 0.85 21.46 12.17
C PRO D 99 2.25 21.85 12.60
N LEU D 100 3.23 21.08 12.15
CA LEU D 100 4.61 21.24 12.58
C LEU D 100 5.40 22.02 11.52
N ARG D 101 6.44 22.71 11.98
CA ARG D 101 7.33 23.41 11.06
C ARG D 101 8.06 22.43 10.14
N SER D 102 8.56 21.33 10.70
CA SER D 102 9.26 20.30 9.96
C SER D 102 8.47 19.00 10.06
N SER D 103 8.30 18.33 8.94
CA SER D 103 7.45 17.15 8.86
C SER D 103 8.18 15.86 9.19
N TRP D 104 9.48 15.91 9.50
CA TRP D 104 10.23 14.71 9.85
C TRP D 104 10.32 14.58 11.37
N VAL D 105 9.18 14.28 11.97
CA VAL D 105 9.07 14.15 13.41
C VAL D 105 9.21 12.69 13.79
N MET D 106 10.12 12.41 14.73
CA MET D 106 10.40 11.06 15.17
C MET D 106 10.00 10.77 16.61
N THR D 107 9.54 11.77 17.34
CA THR D 107 9.17 11.58 18.74
C THR D 107 8.12 12.59 19.14
N CYS D 108 7.40 12.28 20.22
CA CYS D 108 6.45 13.19 20.81
C CYS D 108 6.29 12.84 22.28
N ALA D 109 5.81 13.81 23.06
CA ALA D 109 5.68 13.62 24.50
C ALA D 109 4.49 14.42 25.00
N TYR D 110 4.00 14.03 26.17
CA TYR D 110 2.88 14.69 26.83
C TYR D 110 3.32 15.09 28.23
N ALA D 111 3.07 16.34 28.60
CA ALA D 111 3.44 16.81 29.92
C ALA D 111 2.61 16.09 30.98
N PRO D 112 3.19 15.83 32.16
CA PRO D 112 2.43 15.18 33.23
C PRO D 112 1.21 15.98 33.64
N SER D 113 1.28 17.30 33.62
CA SER D 113 0.13 18.13 33.93
C SER D 113 -0.84 18.27 32.77
N GLY D 114 -0.43 17.89 31.56
CA GLY D 114 -1.27 18.03 30.39
C GLY D 114 -1.29 19.41 29.79
N ASN D 115 -0.51 20.35 30.31
CA ASN D 115 -0.50 21.72 29.80
C ASN D 115 0.39 21.90 28.58
N TYR D 116 1.27 20.95 28.27
CA TYR D 116 2.21 21.09 27.17
C TYR D 116 2.36 19.76 26.45
N VAL D 117 2.81 19.84 25.20
CA VAL D 117 3.29 18.69 24.47
C VAL D 117 4.64 19.04 23.89
N ALA D 118 5.38 18.01 23.47
CA ALA D 118 6.69 18.21 22.88
C ALA D 118 6.83 17.33 21.64
N CYS D 119 7.68 17.78 20.72
CA CYS D 119 7.96 17.00 19.52
C CYS D 119 9.37 17.29 19.06
N GLY D 120 9.91 16.38 18.25
CA GLY D 120 11.25 16.56 17.74
C GLY D 120 11.50 15.58 16.61
N GLY D 121 12.63 15.74 15.95
CA GLY D 121 12.94 14.86 14.84
C GLY D 121 14.22 15.18 14.11
N LEU D 122 14.17 15.12 12.77
CA LEU D 122 15.36 15.34 11.95
C LEU D 122 15.85 16.77 11.96
N ASP D 123 15.07 17.70 12.51
CA ASP D 123 15.49 19.09 12.60
C ASP D 123 16.37 19.39 13.81
N ASN D 124 16.65 18.38 14.64
CA ASN D 124 17.53 18.50 15.81
C ASN D 124 16.99 19.47 16.85
N ILE D 125 15.72 19.85 16.76
CA ILE D 125 15.13 20.86 17.62
C ILE D 125 13.93 20.26 18.33
N CYS D 126 13.85 20.44 19.64
CA CYS D 126 12.70 19.99 20.43
C CYS D 126 11.75 21.15 20.61
N SER D 127 10.56 21.04 20.03
CA SER D 127 9.55 22.09 20.09
C SER D 127 8.54 21.75 21.19
N ILE D 128 8.34 22.71 22.10
CA ILE D 128 7.38 22.61 23.18
C ILE D 128 6.19 23.48 22.86
N TYR D 129 5.01 22.87 22.78
CA TYR D 129 3.76 23.52 22.41
C TYR D 129 2.89 23.67 23.64
N ASN D 130 2.36 24.88 23.84
CA ASN D 130 1.45 25.18 24.95
C ASN D 130 0.02 24.93 24.50
N LEU D 131 -0.68 24.06 25.22
CA LEU D 131 -2.04 23.70 24.86
C LEU D 131 -3.10 24.52 25.57
N LYS D 132 -2.70 25.42 26.48
CA LYS D 132 -3.65 26.14 27.32
C LYS D 132 -3.43 27.65 27.21
N THR D 133 -3.32 28.14 25.97
CA THR D 133 -3.16 29.56 25.74
C THR D 133 -4.46 30.31 26.02
N ARG D 134 -4.33 31.60 26.32
CA ARG D 134 -5.49 32.42 26.64
C ARG D 134 -6.31 32.78 25.41
N GLU D 135 -5.73 32.64 24.21
CA GLU D 135 -6.44 32.95 22.98
C GLU D 135 -7.17 31.74 22.41
N GLY D 136 -6.99 30.56 22.97
CA GLY D 136 -7.67 29.37 22.52
C GLY D 136 -6.97 28.58 21.42
N ASN D 137 -5.83 29.07 20.93
CA ASN D 137 -5.08 28.38 19.90
C ASN D 137 -3.85 27.70 20.51
N VAL D 138 -3.12 26.97 19.67
CA VAL D 138 -1.90 26.28 20.08
C VAL D 138 -0.74 26.88 19.30
N ARG D 139 0.23 27.43 20.02
CA ARG D 139 1.39 28.08 19.43
C ARG D 139 2.66 27.51 20.05
N VAL D 140 3.76 27.60 19.30
CA VAL D 140 5.04 27.10 19.78
C VAL D 140 5.45 27.91 21.00
N SER D 141 5.45 27.27 22.17
CA SER D 141 5.90 27.94 23.37
C SER D 141 7.43 28.07 23.41
N ARG D 142 8.15 27.06 22.95
CA ARG D 142 9.60 27.12 23.02
C ARG D 142 10.21 26.21 21.96
N GLU D 143 11.43 26.55 21.54
CA GLU D 143 12.23 25.69 20.68
C GLU D 143 13.60 25.51 21.33
N LEU D 144 13.96 24.26 21.60
CA LEU D 144 15.21 23.92 22.25
C LEU D 144 16.16 23.38 21.18
N ALA D 145 17.27 24.08 20.98
CA ALA D 145 18.27 23.72 19.99
C ALA D 145 19.63 23.55 20.66
N GLY D 146 20.49 22.76 20.04
CA GLY D 146 21.80 22.48 20.59
C GLY D 146 22.26 21.07 20.33
N HIS D 147 21.32 20.17 20.04
CA HIS D 147 21.66 18.82 19.62
C HIS D 147 22.16 18.85 18.18
N THR D 148 23.25 18.12 17.93
CA THR D 148 23.83 18.04 16.59
C THR D 148 23.43 16.76 15.87
N GLY D 149 22.32 16.15 16.27
CA GLY D 149 21.79 14.98 15.59
C GLY D 149 20.30 14.92 15.81
N TYR D 150 19.65 14.04 15.04
CA TYR D 150 18.20 13.94 15.10
C TYR D 150 17.73 13.56 16.50
N LEU D 151 16.66 14.19 16.95
CA LEU D 151 16.07 13.88 18.24
C LEU D 151 15.28 12.58 18.14
N SER D 152 15.52 11.65 19.07
CA SER D 152 14.86 10.36 19.01
C SER D 152 13.86 10.12 20.14
N CYS D 153 14.00 10.80 21.27
CA CYS D 153 13.02 10.69 22.34
C CYS D 153 13.07 11.93 23.20
N CYS D 154 11.96 12.19 23.89
CA CYS D 154 11.86 13.30 24.82
C CYS D 154 10.76 12.99 25.82
N ARG D 155 11.03 13.28 27.10
CA ARG D 155 10.08 12.98 28.16
C ARG D 155 10.11 14.12 29.17
N PHE D 156 8.95 14.72 29.42
CA PHE D 156 8.85 15.79 30.41
C PHE D 156 9.13 15.26 31.80
N LEU D 157 9.93 16.00 32.56
CA LEU D 157 10.04 15.78 33.99
C LEU D 157 8.97 16.56 34.76
N ASP D 158 8.71 17.78 34.33
CA ASP D 158 7.64 18.62 34.83
C ASP D 158 7.34 19.64 33.74
N ASP D 159 6.60 20.70 34.10
CA ASP D 159 6.27 21.72 33.12
C ASP D 159 7.46 22.56 32.71
N ASN D 160 8.61 22.42 33.38
CA ASN D 160 9.79 23.24 33.09
C ASN D 160 11.02 22.45 32.68
N GLN D 161 11.08 21.15 32.95
CA GLN D 161 12.25 20.34 32.65
C GLN D 161 11.89 19.26 31.63
N ILE D 162 12.85 18.92 30.78
CA ILE D 162 12.64 17.91 29.76
C ILE D 162 13.98 17.26 29.42
N VAL D 163 13.96 15.95 29.25
CA VAL D 163 15.14 15.17 28.88
C VAL D 163 14.99 14.73 27.43
N THR D 164 15.98 15.05 26.61
CA THR D 164 15.96 14.71 25.19
C THR D 164 17.21 13.94 24.82
N SER D 165 17.04 12.83 24.11
CA SER D 165 18.14 12.05 23.58
C SER D 165 18.21 12.26 22.08
N SER D 166 19.43 12.38 21.55
CA SER D 166 19.57 12.66 20.12
C SER D 166 20.51 11.65 19.49
N GLY D 167 20.65 11.75 18.18
CA GLY D 167 21.52 10.91 17.40
C GLY D 167 22.98 11.30 17.43
N ASP D 168 23.33 12.35 18.16
CA ASP D 168 24.73 12.72 18.38
C ASP D 168 25.33 11.97 19.57
N THR D 169 24.77 10.81 19.92
CA THR D 169 25.26 9.95 20.99
C THR D 169 25.20 10.63 22.35
N THR D 170 24.29 11.58 22.54
CA THR D 170 24.18 12.29 23.80
C THR D 170 22.72 12.48 24.18
N CYS D 171 22.49 12.64 25.48
CA CYS D 171 21.21 13.08 26.01
C CYS D 171 21.43 14.39 26.76
N ALA D 172 20.34 15.08 27.07
CA ALA D 172 20.44 16.37 27.71
C ALA D 172 19.19 16.65 28.54
N LEU D 173 19.40 17.37 29.63
CA LEU D 173 18.33 17.89 30.47
C LEU D 173 18.27 19.40 30.26
N TRP D 174 17.12 19.90 29.83
CA TRP D 174 16.94 21.28 29.43
C TRP D 174 16.17 22.06 30.49
N ASP D 175 16.10 23.37 30.28
CA ASP D 175 15.24 24.25 31.06
C ASP D 175 14.36 25.01 30.05
N ILE D 176 13.08 24.67 30.01
CA ILE D 176 12.20 25.19 28.97
C ILE D 176 12.02 26.70 29.12
N GLU D 177 11.98 27.19 30.36
CA GLU D 177 11.81 28.62 30.58
C GLU D 177 12.98 29.42 30.01
N THR D 178 14.20 28.92 30.18
CA THR D 178 15.38 29.62 29.68
C THR D 178 15.85 29.09 28.33
N GLY D 179 15.59 27.83 28.01
CA GLY D 179 15.96 27.27 26.73
C GLY D 179 17.39 26.78 26.62
N GLN D 180 18.13 26.74 27.73
CA GLN D 180 19.51 26.27 27.72
C GLN D 180 19.59 24.83 28.18
N GLN D 181 20.75 24.22 27.95
CA GLN D 181 21.00 22.84 28.35
C GLN D 181 21.51 22.83 29.79
N THR D 182 20.64 22.45 30.73
CA THR D 182 21.04 22.39 32.12
C THR D 182 22.12 21.34 32.34
N THR D 183 21.96 20.16 31.74
CA THR D 183 22.93 19.09 31.91
C THR D 183 23.08 18.32 30.61
N THR D 184 24.26 17.78 30.36
CA THR D 184 24.52 16.95 29.19
C THR D 184 25.08 15.61 29.62
N PHE D 185 24.40 14.54 29.23
CA PHE D 185 24.82 13.17 29.52
C PHE D 185 25.49 12.59 28.30
N THR D 186 26.77 12.23 28.43
CA THR D 186 27.57 11.66 27.37
C THR D 186 28.14 10.32 27.81
N GLY D 187 28.56 9.52 26.84
CA GLY D 187 29.13 8.22 27.13
C GLY D 187 28.72 7.17 26.13
N HIS D 188 27.56 7.34 25.50
CA HIS D 188 27.14 6.43 24.44
C HIS D 188 28.02 6.62 23.22
N THR D 189 28.30 5.51 22.52
CA THR D 189 29.11 5.54 21.31
C THR D 189 28.28 5.39 20.04
N GLY D 190 26.95 5.44 20.16
CA GLY D 190 26.09 5.35 19.00
C GLY D 190 24.85 6.19 19.23
N ASP D 191 23.99 6.24 18.22
CA ASP D 191 22.76 7.00 18.33
C ASP D 191 21.94 6.53 19.52
N VAL D 192 21.53 7.46 20.37
CA VAL D 192 20.65 7.14 21.48
C VAL D 192 19.23 7.06 20.94
N MET D 193 18.62 5.89 21.08
CA MET D 193 17.34 5.64 20.42
C MET D 193 16.15 5.71 21.36
N SER D 194 16.32 5.45 22.65
CA SER D 194 15.17 5.55 23.55
C SER D 194 15.64 5.94 24.94
N LEU D 195 14.70 6.53 25.70
CA LEU D 195 14.93 6.82 27.10
C LEU D 195 13.64 6.59 27.87
N SER D 196 13.79 6.24 29.15
CA SER D 196 12.66 5.99 30.03
C SER D 196 12.95 6.57 31.39
N LEU D 197 12.00 7.32 31.93
CA LEU D 197 12.15 7.99 33.22
C LEU D 197 11.63 7.09 34.35
N ALA D 198 12.32 7.15 35.49
CA ALA D 198 11.91 6.40 36.65
C ALA D 198 10.62 6.99 37.23
N PRO D 199 9.82 6.17 37.93
CA PRO D 199 8.62 6.72 38.57
C PRO D 199 8.92 7.83 39.56
N ASP D 200 10.10 7.82 40.19
CA ASP D 200 10.52 8.90 41.07
C ASP D 200 11.16 10.06 40.32
N THR D 201 11.35 9.94 39.00
CA THR D 201 11.95 10.98 38.16
C THR D 201 13.27 11.49 38.74
N ARG D 202 14.08 10.58 39.26
CA ARG D 202 15.41 10.90 39.72
C ARG D 202 16.52 10.27 38.88
N LEU D 203 16.23 9.15 38.23
CA LEU D 203 17.14 8.51 37.29
C LEU D 203 16.37 8.16 36.03
N PHE D 204 17.10 7.92 34.95
CA PHE D 204 16.48 7.49 33.71
C PHE D 204 17.44 6.59 32.95
N VAL D 205 16.89 5.69 32.14
CA VAL D 205 17.67 4.74 31.37
C VAL D 205 17.61 5.12 29.90
N SER D 206 18.77 5.14 29.25
CA SER D 206 18.86 5.44 27.83
C SER D 206 19.47 4.26 27.10
N GLY D 207 18.76 3.75 26.09
CA GLY D 207 19.24 2.67 25.27
C GLY D 207 19.61 3.19 23.90
N ALA D 208 20.80 2.82 23.43
CA ALA D 208 21.39 3.43 22.26
C ALA D 208 21.68 2.40 21.17
N CYS D 209 22.32 2.86 20.09
CA CYS D 209 22.64 2.03 18.94
C CYS D 209 23.98 1.33 19.07
N ASP D 210 24.67 1.46 20.20
CA ASP D 210 25.89 0.71 20.47
C ASP D 210 25.61 -0.58 21.22
N ALA D 211 24.38 -1.08 21.14
CA ALA D 211 23.96 -2.30 21.82
C ALA D 211 24.14 -2.21 23.33
N SER D 212 23.85 -1.05 23.91
CA SER D 212 24.01 -0.85 25.34
C SER D 212 22.98 0.11 25.87
N ALA D 213 22.67 -0.05 27.16
CA ALA D 213 21.82 0.86 27.90
C ALA D 213 22.61 1.43 29.07
N LYS D 214 22.26 2.62 29.49
CA LYS D 214 22.93 3.28 30.60
C LYS D 214 21.91 3.89 31.54
N LEU D 215 22.20 3.81 32.84
CA LEU D 215 21.38 4.42 33.86
C LEU D 215 22.04 5.70 34.32
N TRP D 216 21.37 6.84 34.15
CA TRP D 216 21.92 8.14 34.42
C TRP D 216 21.34 8.69 35.73
N ASP D 217 21.81 9.87 36.09
CA ASP D 217 21.29 10.59 37.25
C ASP D 217 20.89 11.99 36.80
N VAL D 218 19.60 12.30 36.89
CA VAL D 218 19.11 13.59 36.44
C VAL D 218 19.72 14.72 37.25
N ARG D 219 19.76 14.56 38.57
CA ARG D 219 20.26 15.62 39.44
C ARG D 219 21.77 15.73 39.41
N GLU D 220 22.49 14.62 39.24
CA GLU D 220 23.95 14.63 39.30
C GLU D 220 24.57 14.79 37.91
N GLY D 221 24.31 13.84 37.03
CA GLY D 221 24.74 13.94 35.64
C GLY D 221 25.78 12.94 35.15
N MET D 222 25.90 11.78 35.79
CA MET D 222 26.84 10.76 35.35
C MET D 222 26.14 9.42 35.23
N CYS D 223 26.76 8.53 34.45
CA CYS D 223 26.22 7.19 34.22
C CYS D 223 26.56 6.29 35.40
N ARG D 224 25.54 5.92 36.18
CA ARG D 224 25.78 5.04 37.31
C ARG D 224 26.15 3.63 36.87
N GLN D 225 25.39 3.05 35.96
CA GLN D 225 25.59 1.68 35.53
C GLN D 225 25.42 1.58 34.02
N THR D 226 26.14 0.62 33.43
CA THR D 226 26.05 0.30 32.01
C THR D 226 25.65 -1.16 31.86
N PHE D 227 24.61 -1.41 31.08
CA PHE D 227 24.08 -2.75 30.87
C PHE D 227 24.26 -3.14 29.42
N THR D 228 24.91 -4.28 29.19
CA THR D 228 25.12 -4.86 27.89
C THR D 228 24.54 -6.26 27.85
N GLY D 229 24.56 -6.87 26.67
CA GLY D 229 24.02 -8.20 26.50
C GLY D 229 23.27 -8.32 25.19
N HIS D 230 22.75 -7.20 24.70
CA HIS D 230 22.11 -7.18 23.40
C HIS D 230 23.15 -7.33 22.30
N GLU D 231 22.70 -7.81 21.15
CA GLU D 231 23.59 -8.06 20.01
C GLU D 231 23.60 -6.94 18.99
N SER D 232 22.58 -6.10 18.96
CA SER D 232 22.46 -5.07 17.93
C SER D 232 21.87 -3.82 18.58
N ASP D 233 21.42 -2.89 17.73
CA ASP D 233 20.91 -1.61 18.19
C ASP D 233 19.69 -1.81 19.07
N ILE D 234 19.58 -0.99 20.11
CA ILE D 234 18.44 -0.99 21.02
C ILE D 234 17.48 0.10 20.58
N ASN D 235 16.24 -0.30 20.25
CA ASN D 235 15.26 0.65 19.74
C ASN D 235 14.27 1.10 20.81
N ALA D 236 14.09 0.34 21.88
CA ALA D 236 13.08 0.65 22.87
C ALA D 236 13.63 0.36 24.26
N ILE D 237 13.06 1.05 25.25
CA ILE D 237 13.43 0.86 26.65
C ILE D 237 12.23 1.28 27.49
N CYS D 238 12.06 0.60 28.63
CA CYS D 238 10.91 0.86 29.48
C CYS D 238 11.25 0.44 30.91
N PHE D 239 10.93 1.30 31.87
CA PHE D 239 11.15 0.97 33.27
C PHE D 239 10.07 0.03 33.79
N PHE D 240 10.49 -0.86 34.69
CA PHE D 240 9.53 -1.66 35.45
C PHE D 240 8.72 -0.74 36.35
N PRO D 241 7.47 -1.11 36.66
CA PRO D 241 6.63 -0.21 37.47
C PRO D 241 7.23 0.18 38.80
N ASN D 242 8.00 -0.69 39.45
CA ASN D 242 8.59 -0.37 40.74
C ASN D 242 9.92 0.37 40.61
N GLY D 243 10.43 0.55 39.40
CA GLY D 243 11.63 1.33 39.17
C GLY D 243 12.94 0.61 39.40
N ASN D 244 12.91 -0.69 39.71
CA ASN D 244 14.12 -1.45 40.00
C ASN D 244 14.59 -2.29 38.83
N ALA D 245 13.92 -2.24 37.69
CA ALA D 245 14.28 -3.05 36.54
C ALA D 245 13.80 -2.34 35.28
N PHE D 246 14.29 -2.80 34.14
CA PHE D 246 13.85 -2.24 32.87
C PHE D 246 14.03 -3.26 31.75
N ALA D 247 13.16 -3.16 30.74
CA ALA D 247 13.18 -4.04 29.59
C ALA D 247 13.63 -3.26 28.37
N THR D 248 14.42 -3.90 27.52
CA THR D 248 14.95 -3.31 26.31
C THR D 248 14.60 -4.18 25.12
N GLY D 249 14.09 -3.56 24.06
CA GLY D 249 13.87 -4.23 22.79
C GLY D 249 14.92 -3.77 21.79
N SER D 250 15.42 -4.70 20.99
CA SER D 250 16.56 -4.43 20.13
C SER D 250 16.29 -4.94 18.72
N ASP D 251 17.30 -4.78 17.86
CA ASP D 251 17.22 -5.17 16.47
C ASP D 251 17.57 -6.64 16.24
N ASP D 252 17.95 -7.37 17.29
CA ASP D 252 18.24 -8.80 17.17
C ASP D 252 17.01 -9.66 17.46
N ALA D 253 15.81 -9.08 17.39
CA ALA D 253 14.56 -9.81 17.55
C ALA D 253 14.41 -10.42 18.94
N THR D 254 15.08 -9.84 19.94
CA THR D 254 14.97 -10.29 21.31
C THR D 254 14.74 -9.09 22.23
N CYS D 255 13.98 -9.33 23.29
CA CYS D 255 13.85 -8.37 24.38
C CYS D 255 14.62 -8.91 25.58
N ARG D 256 15.12 -8.03 26.43
CA ARG D 256 15.83 -8.44 27.62
C ARG D 256 15.43 -7.59 28.80
N LEU D 257 15.23 -8.25 29.94
CA LEU D 257 14.88 -7.59 31.20
C LEU D 257 16.12 -7.58 32.07
N PHE D 258 16.63 -6.38 32.33
CA PHE D 258 17.75 -6.10 33.23
C PHE D 258 17.21 -5.58 34.56
N ASP D 259 18.03 -5.72 35.60
CA ASP D 259 17.69 -5.16 36.91
C ASP D 259 18.88 -4.35 37.38
N LEU D 260 18.60 -3.19 37.99
CA LEU D 260 19.66 -2.27 38.39
C LEU D 260 20.48 -2.83 39.56
N ARG D 261 19.79 -3.34 40.59
CA ARG D 261 20.49 -3.75 41.81
C ARG D 261 21.46 -4.88 41.53
N ALA D 262 21.04 -5.90 40.78
CA ALA D 262 21.95 -6.97 40.41
C ALA D 262 22.94 -6.53 39.34
N ASP D 263 22.59 -5.51 38.55
CA ASP D 263 23.45 -4.96 37.51
C ASP D 263 23.83 -6.06 36.51
N GLN D 264 22.81 -6.77 36.03
CA GLN D 264 22.99 -7.80 35.02
C GLN D 264 21.64 -8.09 34.39
N GLU D 265 21.66 -8.84 33.29
CA GLU D 265 20.44 -9.19 32.59
C GLU D 265 19.77 -10.38 33.27
N LEU D 266 18.48 -10.22 33.55
CA LEU D 266 17.69 -11.26 34.22
C LEU D 266 17.00 -12.18 33.23
N MET D 267 16.21 -11.62 32.31
CA MET D 267 15.41 -12.44 31.41
C MET D 267 15.68 -12.10 29.95
N THR D 268 15.44 -13.10 29.10
CA THR D 268 15.61 -12.93 27.66
C THR D 268 14.37 -13.50 26.97
N TYR D 269 13.57 -12.61 26.38
CA TYR D 269 12.34 -12.98 25.67
C TYR D 269 12.69 -13.05 24.18
N SER D 270 12.75 -14.28 23.66
CA SER D 270 13.12 -14.54 22.29
C SER D 270 12.31 -15.71 21.76
N HIS D 271 12.28 -15.83 20.43
CA HIS D 271 11.57 -16.91 19.76
C HIS D 271 12.27 -17.23 18.46
N ASP D 272 12.23 -18.51 18.07
CA ASP D 272 12.83 -18.92 16.82
C ASP D 272 12.04 -18.41 15.62
N ASN D 273 10.72 -18.30 15.75
CA ASN D 273 9.90 -17.79 14.65
C ASN D 273 10.14 -16.30 14.42
N ILE D 274 10.50 -15.57 15.47
CA ILE D 274 10.69 -14.12 15.38
C ILE D 274 12.10 -13.82 14.89
N ILE D 275 12.22 -13.09 13.79
CA ILE D 275 13.51 -12.70 13.25
C ILE D 275 13.51 -11.21 12.96
N CYS D 276 12.45 -10.51 13.33
CA CYS D 276 12.32 -9.08 13.11
C CYS D 276 12.57 -8.33 14.41
N GLY D 277 13.18 -7.15 14.29
CA GLY D 277 13.54 -6.39 15.46
C GLY D 277 12.34 -5.80 16.17
N ILE D 278 12.58 -5.35 17.39
CA ILE D 278 11.56 -4.75 18.25
C ILE D 278 11.64 -3.25 18.12
N THR D 279 10.51 -2.61 17.85
CA THR D 279 10.45 -1.16 17.72
C THR D 279 10.00 -0.44 18.98
N SER D 280 9.13 -1.05 19.78
CA SER D 280 8.65 -0.42 20.98
C SER D 280 8.45 -1.47 22.07
N VAL D 281 8.62 -1.05 23.32
CA VAL D 281 8.49 -1.92 24.47
C VAL D 281 7.76 -1.16 25.57
N SER D 282 6.82 -1.83 26.23
CA SER D 282 6.13 -1.24 27.36
C SER D 282 5.71 -2.33 28.33
N PHE D 283 5.47 -1.94 29.57
CA PHE D 283 5.11 -2.85 30.64
C PHE D 283 3.65 -2.65 31.02
N SER D 284 3.09 -3.66 31.68
CA SER D 284 1.73 -3.55 32.19
C SER D 284 1.73 -2.81 33.52
N LYS D 285 0.54 -2.58 34.06
CA LYS D 285 0.42 -1.82 35.30
C LYS D 285 1.08 -2.54 36.46
N SER D 286 0.91 -3.86 36.53
CA SER D 286 1.55 -4.66 37.57
C SER D 286 2.94 -5.12 37.20
N GLY D 287 3.36 -4.92 35.95
CA GLY D 287 4.64 -5.42 35.49
C GLY D 287 4.65 -6.88 35.10
N ARG D 288 3.50 -7.56 35.15
CA ARG D 288 3.45 -8.97 34.81
C ARG D 288 3.50 -9.20 33.31
N LEU D 289 2.94 -8.29 32.52
CA LEU D 289 2.89 -8.43 31.06
C LEU D 289 3.86 -7.44 30.44
N LEU D 290 4.68 -7.93 29.50
CA LEU D 290 5.59 -7.10 28.73
C LEU D 290 5.09 -7.05 27.29
N LEU D 291 4.78 -5.86 26.80
CA LEU D 291 4.24 -5.69 25.46
C LEU D 291 5.34 -5.15 24.55
N ALA D 292 5.52 -5.78 23.40
CA ALA D 292 6.58 -5.39 22.47
C ALA D 292 6.05 -5.36 21.04
N GLY D 293 6.35 -4.28 20.34
CA GLY D 293 5.97 -4.14 18.94
C GLY D 293 7.08 -4.56 18.02
N TYR D 294 6.71 -5.13 16.88
CA TYR D 294 7.66 -5.74 15.96
C TYR D 294 7.49 -5.19 14.56
N ASP D 295 8.53 -5.39 13.74
CA ASP D 295 8.50 -5.00 12.33
C ASP D 295 7.61 -5.91 11.49
N ASP D 296 7.25 -7.09 12.00
CA ASP D 296 6.37 -8.03 11.32
C ASP D 296 4.89 -7.67 11.44
N PHE D 297 4.58 -6.44 11.84
CA PHE D 297 3.25 -5.83 11.90
C PHE D 297 2.43 -6.32 13.09
N ASN D 298 3.03 -7.03 14.04
CA ASN D 298 2.31 -7.57 15.17
C ASN D 298 2.92 -7.07 16.47
N CYS D 299 2.14 -7.16 17.54
CA CYS D 299 2.61 -6.91 18.90
C CYS D 299 2.55 -8.22 19.66
N ASN D 300 3.51 -8.45 20.54
CA ASN D 300 3.55 -9.67 21.35
C ASN D 300 3.48 -9.30 22.83
N VAL D 301 2.63 -10.01 23.55
CA VAL D 301 2.49 -9.86 25.00
C VAL D 301 3.15 -11.06 25.65
N TRP D 302 4.22 -10.80 26.40
CA TRP D 302 5.04 -11.81 27.06
C TRP D 302 4.73 -11.85 28.54
N ASP D 303 4.91 -13.02 29.14
CA ASP D 303 4.91 -13.16 30.57
C ASP D 303 6.25 -12.66 31.09
N ALA D 304 6.25 -11.52 31.78
CA ALA D 304 7.51 -10.91 32.20
C ALA D 304 8.26 -11.74 33.24
N LEU D 305 7.59 -12.70 33.88
CA LEU D 305 8.21 -13.52 34.90
C LEU D 305 8.56 -14.92 34.44
N LYS D 306 7.91 -15.42 33.39
CA LYS D 306 8.17 -16.76 32.89
C LYS D 306 8.84 -16.78 31.52
N ALA D 307 8.94 -15.64 30.85
CA ALA D 307 9.53 -15.54 29.51
C ALA D 307 8.81 -16.43 28.51
N ASP D 308 7.49 -16.53 28.66
CA ASP D 308 6.64 -17.28 27.75
C ASP D 308 5.66 -16.33 27.07
N ARG D 309 5.56 -16.44 25.75
CA ARG D 309 4.62 -15.60 25.02
C ARG D 309 3.19 -15.90 25.46
N ALA D 310 2.43 -14.85 25.74
CA ALA D 310 1.07 -15.00 26.24
C ALA D 310 0.01 -14.50 25.29
N GLY D 311 0.33 -13.61 24.36
CA GLY D 311 -0.70 -13.12 23.46
C GLY D 311 -0.10 -12.41 22.27
N VAL D 312 -0.93 -12.21 21.25
CA VAL D 312 -0.55 -11.52 20.04
C VAL D 312 -1.62 -10.48 19.71
N LEU D 313 -1.19 -9.26 19.40
CA LEU D 313 -2.05 -8.17 18.96
C LEU D 313 -1.77 -7.95 17.48
N ALA D 314 -2.67 -8.45 16.63
CA ALA D 314 -2.54 -8.29 15.19
C ALA D 314 -3.67 -7.41 14.66
N GLY D 315 -3.41 -6.74 13.55
CA GLY D 315 -4.39 -5.83 12.99
C GLY D 315 -3.79 -4.61 12.32
N HIS D 316 -2.48 -4.44 12.44
CA HIS D 316 -1.79 -3.34 11.79
C HIS D 316 -1.21 -3.82 10.46
N ASP D 317 -1.42 -3.04 9.41
CA ASP D 317 -1.01 -3.43 8.08
C ASP D 317 0.43 -3.08 7.76
N ASN D 318 1.11 -2.32 8.62
CA ASN D 318 2.50 -1.95 8.41
C ASN D 318 3.23 -2.04 9.75
N ARG D 319 4.51 -1.66 9.72
CA ARG D 319 5.37 -1.81 10.88
C ARG D 319 4.83 -1.05 12.08
N VAL D 320 4.82 -1.72 13.24
CA VAL D 320 4.38 -1.09 14.47
C VAL D 320 5.54 -0.27 15.04
N SER D 321 5.32 1.04 15.20
CA SER D 321 6.39 1.94 15.59
C SER D 321 6.28 2.46 17.02
N CYS D 322 5.08 2.54 17.58
CA CYS D 322 4.91 3.06 18.93
C CYS D 322 3.96 2.16 19.70
N LEU D 323 4.05 2.24 21.03
CA LEU D 323 3.31 1.38 21.93
C LEU D 323 3.31 2.01 23.31
N GLY D 324 2.20 1.86 24.02
CA GLY D 324 2.10 2.44 25.35
C GLY D 324 0.89 1.99 26.13
N VAL D 325 0.99 2.01 27.46
CA VAL D 325 -0.06 1.55 28.35
C VAL D 325 -0.51 2.72 29.21
N THR D 326 -1.82 2.85 29.37
CA THR D 326 -2.37 3.94 30.17
C THR D 326 -1.84 3.90 31.60
N ASP D 327 -1.91 5.05 32.28
CA ASP D 327 -1.39 5.13 33.64
C ASP D 327 -2.17 4.26 34.60
N ASP D 328 -3.44 3.99 34.30
CA ASP D 328 -4.23 3.06 35.09
C ASP D 328 -4.22 1.64 34.51
N GLY D 329 -3.51 1.43 33.40
CA GLY D 329 -3.42 0.12 32.80
C GLY D 329 -4.67 -0.35 32.10
N MET D 330 -5.61 0.55 31.81
CA MET D 330 -6.90 0.15 31.28
C MET D 330 -6.88 -0.16 29.78
N ALA D 331 -5.85 0.27 29.06
CA ALA D 331 -5.83 0.08 27.62
C ALA D 331 -4.41 0.13 27.11
N VAL D 332 -4.22 -0.38 25.89
CA VAL D 332 -2.92 -0.36 25.22
C VAL D 332 -3.11 0.32 23.87
N ALA D 333 -2.32 1.37 23.61
CA ALA D 333 -2.39 2.08 22.35
C ALA D 333 -1.18 1.71 21.50
N THR D 334 -1.42 1.33 20.25
CA THR D 334 -0.36 0.99 19.31
C THR D 334 -0.58 1.80 18.03
N GLY D 335 0.38 2.63 17.68
CA GLY D 335 0.40 3.22 16.36
C GLY D 335 1.37 2.51 15.45
N SER D 336 1.16 2.65 14.15
CA SER D 336 1.96 1.91 13.19
C SER D 336 2.20 2.77 11.96
N TRP D 337 3.01 2.23 11.05
CA TRP D 337 3.37 2.94 9.83
C TRP D 337 2.24 2.98 8.81
N ASP D 338 1.12 2.31 9.07
CA ASP D 338 -0.05 2.37 8.21
C ASP D 338 -0.95 3.55 8.52
N SER D 339 -0.53 4.44 9.42
CA SER D 339 -1.17 5.72 9.73
C SER D 339 -2.45 5.57 10.54
N PHE D 340 -2.60 4.50 11.30
CA PHE D 340 -3.75 4.32 12.18
C PHE D 340 -3.27 3.99 13.59
N LEU D 341 -3.99 4.47 14.58
CA LEU D 341 -3.76 4.08 15.96
C LEU D 341 -4.85 3.11 16.40
N LYS D 342 -4.49 2.19 17.30
CA LYS D 342 -5.46 1.23 17.81
C LYS D 342 -5.38 1.18 19.33
N ILE D 343 -6.54 1.27 19.97
CA ILE D 343 -6.68 1.13 21.41
C ILE D 343 -7.28 -0.23 21.69
N TRP D 344 -6.55 -1.05 22.46
CA TRP D 344 -6.89 -2.43 22.75
C TRP D 344 -7.18 -2.61 24.23
N ASN D 345 -8.05 -3.57 24.51
CA ASN D 345 -8.34 -4.00 25.87
C ASN D 345 -8.42 -5.52 25.95
N ALA E 6 41.03 13.63 21.50
CA ALA E 6 42.23 12.83 21.76
C ALA E 6 41.86 11.41 22.14
N SER E 7 42.46 10.44 21.44
CA SER E 7 42.19 9.04 21.74
C SER E 7 42.67 8.67 23.14
N ILE E 8 43.85 9.17 23.53
CA ILE E 8 44.37 8.87 24.86
C ILE E 8 43.46 9.44 25.93
N ALA E 9 42.99 10.67 25.75
CA ALA E 9 42.08 11.28 26.73
C ALA E 9 40.76 10.51 26.80
N GLN E 10 40.24 10.08 25.65
CA GLN E 10 39.01 9.30 25.64
C GLN E 10 39.20 7.97 26.38
N ALA E 11 40.33 7.30 26.14
CA ALA E 11 40.60 6.05 26.84
C ALA E 11 40.72 6.27 28.35
N ARG E 12 41.38 7.36 28.75
CA ARG E 12 41.50 7.66 30.17
C ARG E 12 40.14 7.93 30.80
N LYS E 13 39.29 8.68 30.10
CA LYS E 13 37.95 8.95 30.61
C LYS E 13 37.12 7.68 30.71
N LEU E 14 37.23 6.81 29.71
CA LEU E 14 36.52 5.53 29.76
C LEU E 14 37.01 4.67 30.93
N VAL E 15 38.33 4.70 31.18
CA VAL E 15 38.87 3.94 32.31
C VAL E 15 38.33 4.50 33.63
N GLU E 16 38.27 5.83 33.75
CA GLU E 16 37.69 6.44 34.96
C GLU E 16 36.24 6.04 35.14
N GLN E 17 35.47 6.05 34.05
CA GLN E 17 34.06 5.65 34.12
C GLN E 17 33.91 4.19 34.52
N LEU E 18 34.77 3.32 33.98
CA LEU E 18 34.75 1.91 34.37
C LEU E 18 35.09 1.74 35.84
N LYS E 19 36.06 2.52 36.34
CA LYS E 19 36.37 2.48 37.76
C LYS E 19 35.17 2.90 38.60
N MET E 20 34.47 3.95 38.18
CA MET E 20 33.28 4.39 38.91
C MET E 20 32.20 3.31 38.89
N GLU E 21 32.01 2.64 37.74
CA GLU E 21 30.97 1.62 37.64
C GLU E 21 31.32 0.37 38.44
N ALA E 22 32.61 0.02 38.54
CA ALA E 22 32.99 -1.23 39.18
C ALA E 22 32.64 -1.24 40.66
N ASN E 23 32.89 -0.14 41.36
CA ASN E 23 32.71 -0.08 42.82
C ASN E 23 31.27 0.27 43.16
N ILE E 24 30.39 -0.73 43.01
CA ILE E 24 28.99 -0.61 43.39
C ILE E 24 28.59 -1.87 44.15
N ASP E 25 27.50 -1.75 44.92
CA ASP E 25 26.99 -2.86 45.71
C ASP E 25 25.94 -3.60 44.88
N ARG E 26 26.19 -4.89 44.63
CA ARG E 26 25.30 -5.73 43.83
C ARG E 26 24.69 -6.79 44.72
N ILE E 27 23.35 -6.86 44.75
CA ILE E 27 22.67 -7.91 45.49
C ILE E 27 22.60 -9.17 44.64
N LYS E 28 22.24 -10.27 45.29
CA LYS E 28 22.14 -11.55 44.60
C LYS E 28 20.96 -11.54 43.63
N VAL E 29 21.11 -12.29 42.54
CA VAL E 29 20.08 -12.32 41.52
C VAL E 29 18.81 -12.96 42.06
N SER E 30 18.95 -13.96 42.93
CA SER E 30 17.77 -14.61 43.50
C SER E 30 16.93 -13.62 44.30
N LYS E 31 17.58 -12.75 45.08
CA LYS E 31 16.85 -11.75 45.84
C LYS E 31 16.12 -10.78 44.92
N ALA E 32 16.76 -10.38 43.83
CA ALA E 32 16.12 -9.49 42.86
C ALA E 32 14.91 -10.15 42.21
N ALA E 33 15.04 -11.42 41.86
CA ALA E 33 13.91 -12.16 41.29
C ALA E 33 12.77 -12.27 42.29
N ALA E 34 13.10 -12.53 43.56
CA ALA E 34 12.07 -12.58 44.59
C ALA E 34 11.37 -11.25 44.74
N ASP E 35 12.12 -10.14 44.68
CA ASP E 35 11.50 -8.82 44.77
C ASP E 35 10.57 -8.56 43.59
N LEU E 36 11.00 -8.93 42.38
CA LEU E 36 10.15 -8.75 41.21
C LEU E 36 8.86 -9.55 41.34
N MET E 37 8.99 -10.82 41.76
CA MET E 37 7.80 -11.65 41.96
C MET E 37 6.90 -11.07 43.03
N ALA E 38 7.49 -10.53 44.11
CA ALA E 38 6.70 -9.94 45.17
C ALA E 38 5.88 -8.77 44.66
N TYR E 39 6.50 -7.88 43.87
CA TYR E 39 5.75 -6.76 43.30
C TYR E 39 4.65 -7.25 42.38
N CYS E 40 4.95 -8.23 41.54
CA CYS E 40 3.95 -8.73 40.60
C CYS E 40 2.75 -9.32 41.33
N GLU E 41 2.99 -10.12 42.37
CA GLU E 41 1.88 -10.69 43.13
C GLU E 41 1.14 -9.63 43.92
N ALA E 42 1.84 -8.62 44.42
CA ALA E 42 1.19 -7.56 45.18
C ALA E 42 0.29 -6.69 44.32
N HIS E 43 0.60 -6.52 43.04
CA HIS E 43 -0.22 -5.66 42.19
C HIS E 43 -0.96 -6.42 41.08
N ALA E 44 -1.00 -7.74 41.13
CA ALA E 44 -1.73 -8.50 40.10
C ALA E 44 -3.20 -8.14 40.07
N LYS E 45 -3.83 -8.01 41.25
CA LYS E 45 -5.27 -7.77 41.30
C LYS E 45 -5.66 -6.39 40.78
N GLU E 46 -4.70 -5.48 40.61
CA GLU E 46 -4.97 -4.14 40.11
C GLU E 46 -4.54 -3.95 38.65
N ASP E 47 -4.35 -5.06 37.92
CA ASP E 47 -3.89 -4.98 36.54
C ASP E 47 -5.06 -5.26 35.61
N PRO E 48 -5.65 -4.23 34.98
CA PRO E 48 -6.77 -4.49 34.06
C PRO E 48 -6.41 -5.37 32.87
N LEU E 49 -5.18 -5.27 32.36
CA LEU E 49 -4.80 -6.09 31.22
C LEU E 49 -4.53 -7.54 31.60
N LEU E 50 -4.01 -7.77 32.80
CA LEU E 50 -3.79 -9.14 33.27
C LEU E 50 -5.12 -9.83 33.57
N THR E 51 -5.89 -9.25 34.48
CA THR E 51 -7.23 -9.76 34.81
C THR E 51 -8.26 -8.77 34.28
N PRO E 52 -8.90 -9.06 33.14
CA PRO E 52 -9.82 -8.07 32.55
C PRO E 52 -10.96 -7.73 33.50
N VAL E 53 -11.33 -6.45 33.51
CA VAL E 53 -12.44 -5.96 34.33
C VAL E 53 -13.74 -6.33 33.63
N PRO E 54 -14.86 -6.40 34.35
CA PRO E 54 -16.14 -6.60 33.69
C PRO E 54 -16.50 -5.40 32.82
N ALA E 55 -17.35 -5.64 31.83
CA ALA E 55 -17.65 -4.59 30.86
C ALA E 55 -18.65 -3.59 31.44
N SER E 56 -18.36 -3.08 32.62
CA SER E 56 -19.07 -1.99 33.27
C SER E 56 -18.14 -0.87 33.68
N GLU E 57 -16.96 -1.19 34.19
CA GLU E 57 -15.93 -0.21 34.50
C GLU E 57 -15.04 0.10 33.30
N ASN E 58 -15.19 -0.64 32.21
CA ASN E 58 -14.37 -0.41 31.03
C ASN E 58 -14.88 0.79 30.27
N PRO E 59 -14.10 1.87 30.12
CA PRO E 59 -14.59 3.03 29.39
C PRO E 59 -14.42 2.93 27.88
N PHE E 60 -13.71 1.92 27.39
CA PHE E 60 -13.48 1.74 25.97
C PHE E 60 -14.43 0.73 25.33
N ARG E 61 -15.39 0.23 26.09
CA ARG E 61 -16.34 -0.77 25.58
C ARG E 61 -17.16 -0.22 24.42
N GLN F 3 28.13 -8.90 25.10
CA GLN F 3 28.96 -7.78 24.65
C GLN F 3 29.68 -8.12 23.36
N VAL F 4 29.34 -7.41 22.29
CA VAL F 4 29.91 -7.69 20.98
C VAL F 4 31.39 -7.29 20.98
N GLN F 5 32.26 -8.25 20.67
CA GLN F 5 33.69 -8.01 20.65
C GLN F 5 34.30 -8.71 19.44
N LEU F 6 35.22 -8.01 18.78
CA LEU F 6 35.94 -8.54 17.63
C LEU F 6 37.42 -8.26 17.79
N GLN F 7 38.24 -9.28 17.67
CA GLN F 7 39.69 -9.15 17.82
C GLN F 7 40.38 -9.64 16.56
N GLU F 8 41.27 -8.83 16.01
CA GLU F 8 42.00 -9.14 14.79
C GLU F 8 43.46 -9.42 15.10
N SER F 9 44.04 -10.34 14.33
CA SER F 9 45.44 -10.70 14.50
C SER F 9 45.99 -11.13 13.14
N GLY F 10 47.32 -11.14 13.05
CA GLY F 10 48.00 -11.53 11.83
C GLY F 10 48.64 -10.39 11.06
N GLY F 11 48.65 -9.18 11.61
CA GLY F 11 49.27 -8.05 10.94
C GLY F 11 50.73 -7.90 11.34
N GLY F 12 51.55 -7.54 10.37
CA GLY F 12 52.97 -7.36 10.62
C GLY F 12 53.69 -6.90 9.38
N LEU F 13 54.99 -6.66 9.54
CA LEU F 13 55.82 -6.22 8.44
C LEU F 13 56.00 -7.36 7.44
N VAL F 14 55.81 -7.07 6.16
CA VAL F 14 55.93 -8.07 5.10
C VAL F 14 56.56 -7.41 3.88
N GLN F 15 57.47 -8.13 3.23
CA GLN F 15 58.08 -7.63 2.01
C GLN F 15 57.05 -7.62 0.89
N PRO F 16 57.22 -6.74 -0.11
CA PRO F 16 56.26 -6.69 -1.21
C PRO F 16 56.17 -8.03 -1.94
N GLY F 17 54.96 -8.38 -2.35
CA GLY F 17 54.69 -9.65 -2.97
C GLY F 17 54.42 -10.79 -2.02
N GLY F 18 54.48 -10.56 -0.71
CA GLY F 18 54.25 -11.61 0.26
C GLY F 18 52.79 -11.91 0.47
N SER F 19 52.54 -12.86 1.37
CA SER F 19 51.19 -13.29 1.71
C SER F 19 50.99 -13.18 3.21
N LEU F 20 49.88 -12.58 3.62
CA LEU F 20 49.56 -12.38 5.03
C LEU F 20 48.14 -12.83 5.30
N ARG F 21 47.93 -13.56 6.39
CA ARG F 21 46.62 -14.04 6.75
C ARG F 21 46.15 -13.33 8.01
N LEU F 22 44.98 -12.68 7.92
CA LEU F 22 44.37 -12.00 9.04
C LEU F 22 43.21 -12.83 9.57
N SER F 23 43.17 -12.98 10.90
CA SER F 23 42.13 -13.76 11.57
C SER F 23 41.37 -12.86 12.53
N CYS F 24 40.05 -12.99 12.51
CA CYS F 24 39.13 -12.18 13.31
C CYS F 24 38.30 -13.13 14.17
N ALA F 25 38.52 -13.08 15.48
CA ALA F 25 37.73 -13.84 16.43
C ALA F 25 36.62 -12.96 16.99
N ALA F 26 35.39 -13.46 16.93
CA ALA F 26 34.22 -12.70 17.33
C ALA F 26 33.53 -13.38 18.51
N SER F 27 32.93 -12.56 19.37
CA SER F 27 32.22 -13.08 20.54
C SER F 27 31.11 -12.10 20.90
N GLY F 28 30.13 -12.62 21.63
CA GLY F 28 29.00 -11.83 22.09
C GLY F 28 27.81 -11.81 21.16
N PHE F 29 27.93 -12.42 19.97
CA PHE F 29 26.81 -12.46 19.04
C PHE F 29 26.90 -13.73 18.22
N THR F 30 25.75 -14.15 17.68
CA THR F 30 25.69 -15.35 16.86
C THR F 30 26.37 -15.08 15.53
N PHE F 31 27.54 -15.69 15.32
CA PHE F 31 28.35 -15.36 14.15
C PHE F 31 27.64 -15.71 12.85
N SER F 32 26.93 -16.83 12.82
CA SER F 32 26.34 -17.30 11.57
C SER F 32 25.23 -16.39 11.05
N ASN F 33 24.70 -15.51 11.89
CA ASN F 33 23.53 -14.71 11.52
C ASN F 33 23.88 -13.37 10.90
N TYR F 34 25.16 -13.03 10.77
CA TYR F 34 25.56 -11.71 10.34
C TYR F 34 26.48 -11.77 9.12
N LYS F 35 26.39 -10.74 8.29
CA LYS F 35 27.24 -10.59 7.11
C LYS F 35 28.47 -9.79 7.52
N MET F 36 29.66 -10.36 7.31
CA MET F 36 30.88 -9.77 7.84
C MET F 36 31.63 -9.03 6.74
N ASN F 37 32.45 -8.06 7.15
CA ASN F 37 33.17 -7.20 6.24
C ASN F 37 34.60 -7.01 6.73
N TRP F 38 35.49 -6.75 5.78
CA TRP F 38 36.86 -6.30 6.05
C TRP F 38 37.01 -4.90 5.50
N VAL F 39 37.45 -3.97 6.34
CA VAL F 39 37.56 -2.56 5.98
C VAL F 39 38.94 -2.06 6.38
N ARG F 40 39.67 -1.45 5.45
CA ARG F 40 41.00 -0.95 5.75
C ARG F 40 41.04 0.57 5.69
N GLN F 41 41.90 1.14 6.52
CA GLN F 41 42.12 2.58 6.57
C GLN F 41 43.60 2.82 6.31
N ALA F 42 43.91 3.47 5.19
CA ALA F 42 45.28 3.80 4.88
C ALA F 42 45.70 5.07 5.64
N PRO F 43 46.98 5.19 6.00
CA PRO F 43 47.45 6.39 6.68
C PRO F 43 47.23 7.63 5.82
N GLY F 44 46.79 8.71 6.47
CA GLY F 44 46.50 9.93 5.76
C GLY F 44 45.24 9.93 4.93
N LYS F 45 44.36 8.95 5.13
CA LYS F 45 43.13 8.83 4.37
C LYS F 45 42.02 8.35 5.30
N GLY F 46 40.83 8.14 4.72
CA GLY F 46 39.70 7.63 5.45
C GLY F 46 39.56 6.12 5.32
N LEU F 47 38.54 5.59 6.00
CA LEU F 47 38.29 4.16 5.96
C LEU F 47 37.76 3.76 4.58
N GLU F 48 38.24 2.62 4.08
CA GLU F 48 37.86 2.11 2.78
C GLU F 48 37.39 0.67 2.92
N TRP F 49 36.21 0.38 2.36
CA TRP F 49 35.68 -0.97 2.40
C TRP F 49 36.49 -1.88 1.47
N VAL F 50 36.86 -3.05 1.97
CA VAL F 50 37.72 -3.98 1.24
C VAL F 50 36.93 -5.19 0.74
N SER F 51 36.27 -5.91 1.63
CA SER F 51 35.59 -7.14 1.21
C SER F 51 34.39 -7.40 2.09
N ASP F 52 33.49 -8.25 1.60
CA ASP F 52 32.33 -8.67 2.39
C ASP F 52 31.94 -10.09 2.04
N ILE F 53 31.45 -10.81 3.06
CA ILE F 53 31.01 -12.19 2.94
C ILE F 53 29.68 -12.35 3.64
N SER F 54 28.79 -13.14 3.05
CA SER F 54 27.41 -13.27 3.52
C SER F 54 27.33 -14.21 4.71
N GLN F 55 26.10 -14.56 5.11
CA GLN F 55 25.91 -15.42 6.28
C GLN F 55 26.47 -16.82 6.05
N SER F 56 26.20 -17.40 4.88
CA SER F 56 26.59 -18.77 4.58
C SER F 56 27.94 -18.87 3.89
N GLY F 57 28.58 -17.74 3.58
CA GLY F 57 29.81 -17.76 2.83
C GLY F 57 29.64 -17.90 1.32
N ALA F 58 28.40 -17.97 0.84
CA ALA F 58 28.17 -18.10 -0.59
C ALA F 58 28.47 -16.79 -1.32
N SER F 59 27.80 -15.72 -0.93
CA SER F 59 28.02 -14.42 -1.55
C SER F 59 29.32 -13.81 -1.04
N ILE F 60 30.20 -13.45 -1.96
CA ILE F 60 31.49 -12.86 -1.63
C ILE F 60 31.73 -11.70 -2.59
N SER F 61 32.21 -10.57 -2.07
CA SER F 61 32.55 -9.45 -2.93
C SER F 61 33.80 -8.75 -2.42
N TYR F 62 34.57 -8.19 -3.36
CA TYR F 62 35.79 -7.47 -3.05
C TYR F 62 35.80 -6.14 -3.79
N THR F 63 36.62 -5.22 -3.28
CA THR F 63 36.84 -3.96 -3.98
C THR F 63 37.74 -4.19 -5.19
N GLY F 64 37.80 -3.18 -6.06
CA GLY F 64 38.55 -3.33 -7.31
C GLY F 64 40.04 -3.50 -7.10
N SER F 65 40.61 -2.76 -6.15
CA SER F 65 42.06 -2.76 -5.97
C SER F 65 42.59 -4.11 -5.49
N VAL F 66 41.75 -4.95 -4.90
CA VAL F 66 42.19 -6.22 -4.33
C VAL F 66 41.62 -7.43 -5.06
N LYS F 67 40.86 -7.23 -6.13
CA LYS F 67 40.27 -8.34 -6.85
C LYS F 67 41.35 -9.25 -7.42
N GLY F 68 41.21 -10.55 -7.20
CA GLY F 68 42.16 -11.53 -7.67
C GLY F 68 43.35 -11.76 -6.77
N ARG F 69 43.48 -10.97 -5.70
CA ARG F 69 44.58 -11.13 -4.76
C ARG F 69 44.14 -11.49 -3.35
N PHE F 70 43.00 -10.99 -2.89
CA PHE F 70 42.52 -11.25 -1.54
C PHE F 70 41.41 -12.29 -1.57
N THR F 71 41.33 -13.09 -0.50
CA THR F 71 40.32 -14.12 -0.37
C THR F 71 39.75 -14.08 1.03
N ILE F 72 38.43 -13.89 1.14
CA ILE F 72 37.76 -13.75 2.44
C ILE F 72 36.88 -14.97 2.65
N SER F 73 36.94 -15.52 3.87
CA SER F 73 36.15 -16.70 4.21
C SER F 73 35.73 -16.61 5.66
N ARG F 74 34.75 -17.42 6.04
CA ARG F 74 34.26 -17.43 7.41
C ARG F 74 34.07 -18.86 7.90
N ASP F 75 34.42 -19.10 9.15
CA ASP F 75 34.18 -20.36 9.84
C ASP F 75 33.11 -20.10 10.89
N ASN F 76 31.89 -20.56 10.60
CA ASN F 76 30.76 -20.31 11.51
C ASN F 76 30.89 -21.12 12.78
N ALA F 77 31.38 -22.36 12.68
CA ALA F 77 31.53 -23.20 13.86
C ALA F 77 32.57 -22.61 14.82
N LYS F 78 33.67 -22.09 14.28
CA LYS F 78 34.73 -21.51 15.10
C LYS F 78 34.54 -20.02 15.35
N ASN F 79 33.49 -19.42 14.82
CA ASN F 79 33.22 -17.99 14.98
C ASN F 79 34.41 -17.15 14.56
N THR F 80 34.94 -17.42 13.37
CA THR F 80 36.15 -16.75 12.92
C THR F 80 35.98 -16.25 11.49
N LEU F 81 36.68 -15.16 11.17
CA LEU F 81 36.67 -14.58 9.83
C LEU F 81 38.10 -14.42 9.34
N TYR F 82 38.39 -15.00 8.19
CA TYR F 82 39.75 -15.06 7.66
C TYR F 82 39.87 -14.24 6.38
N LEU F 83 40.99 -13.55 6.24
CA LEU F 83 41.31 -12.82 5.01
C LEU F 83 42.75 -13.16 4.62
N GLN F 84 42.90 -13.83 3.49
CA GLN F 84 44.21 -14.15 2.94
C GLN F 84 44.59 -13.09 1.91
N MET F 85 45.79 -12.54 2.05
CA MET F 85 46.29 -11.49 1.16
C MET F 85 47.52 -11.99 0.44
N ASN F 86 47.49 -11.92 -0.90
CA ASN F 86 48.56 -12.43 -1.74
C ASN F 86 49.11 -11.30 -2.58
N SER F 87 50.43 -11.31 -2.79
CA SER F 87 51.14 -10.32 -3.58
C SER F 87 50.86 -8.90 -3.05
N LEU F 88 51.30 -8.68 -1.82
CA LEU F 88 51.08 -7.39 -1.17
C LEU F 88 51.82 -6.29 -1.92
N LYS F 89 51.18 -5.13 -2.01
CA LYS F 89 51.74 -3.94 -2.64
C LYS F 89 52.01 -2.88 -1.58
N PRO F 90 52.92 -1.94 -1.86
CA PRO F 90 53.16 -0.86 -0.89
C PRO F 90 51.92 -0.04 -0.57
N GLU F 91 50.99 0.09 -1.53
CA GLU F 91 49.77 0.84 -1.30
C GLU F 91 48.79 0.12 -0.40
N ASP F 92 49.03 -1.16 -0.09
CA ASP F 92 48.15 -1.93 0.77
C ASP F 92 48.46 -1.78 2.25
N THR F 93 49.45 -0.99 2.62
CA THR F 93 49.78 -0.75 4.02
C THR F 93 48.66 0.06 4.66
N ALA F 94 48.03 -0.52 5.69
CA ALA F 94 46.87 0.12 6.30
C ALA F 94 46.55 -0.56 7.63
N VAL F 95 45.59 0.02 8.34
CA VAL F 95 45.02 -0.61 9.52
C VAL F 95 43.75 -1.33 9.10
N TYR F 96 43.67 -2.62 9.39
CA TYR F 96 42.57 -3.46 8.95
C TYR F 96 41.62 -3.72 10.11
N TYR F 97 40.32 -3.53 9.85
CA TYR F 97 39.26 -3.73 10.83
C TYR F 97 38.30 -4.79 10.33
N CYS F 98 37.84 -5.62 11.26
CA CYS F 98 36.88 -6.68 11.00
C CYS F 98 35.51 -6.17 11.44
N ALA F 99 34.71 -5.72 10.48
CA ALA F 99 33.43 -5.08 10.76
C ALA F 99 32.28 -6.06 10.56
N ARG F 100 31.14 -5.73 11.17
CA ARG F 100 29.96 -6.57 11.15
C ARG F 100 28.75 -5.75 10.71
N CYS F 101 27.88 -6.38 9.93
CA CYS F 101 26.63 -5.72 9.53
C CYS F 101 25.83 -5.39 10.78
N PRO F 102 25.17 -4.23 10.82
CA PRO F 102 24.49 -3.81 12.06
C PRO F 102 23.37 -4.76 12.51
N ALA F 103 22.66 -5.38 11.58
CA ALA F 103 21.52 -6.20 11.93
C ALA F 103 21.62 -7.56 11.25
N PRO F 104 21.10 -8.61 11.89
CA PRO F 104 21.14 -9.94 11.28
C PRO F 104 20.06 -10.12 10.23
N PHE F 105 20.25 -11.17 9.42
CA PHE F 105 19.28 -11.59 8.40
C PHE F 105 18.97 -10.47 7.41
N THR F 106 19.96 -9.65 7.08
CA THR F 106 19.74 -8.52 6.19
C THR F 106 20.88 -8.43 5.19
N ARG F 107 20.59 -7.80 4.05
CA ARG F 107 21.56 -7.65 2.97
C ARG F 107 22.28 -6.32 3.00
N ASP F 108 21.68 -5.28 3.60
CA ASP F 108 22.29 -3.96 3.63
C ASP F 108 23.26 -3.86 4.81
N CYS F 109 24.50 -3.51 4.51
CA CYS F 109 25.53 -3.29 5.53
C CYS F 109 25.75 -1.79 5.60
N PHE F 110 24.93 -1.12 6.39
CA PHE F 110 25.04 0.33 6.57
C PHE F 110 26.09 0.67 7.61
N ASP F 111 26.73 1.82 7.42
CA ASP F 111 27.61 2.46 8.39
C ASP F 111 28.81 1.60 8.76
N VAL F 112 29.13 0.57 7.96
CA VAL F 112 30.28 -0.27 8.26
C VAL F 112 31.57 0.51 8.12
N THR F 113 31.63 1.44 7.17
CA THR F 113 32.82 2.25 6.93
C THR F 113 32.79 3.57 7.69
N SER F 114 31.85 3.75 8.62
CA SER F 114 31.71 5.00 9.33
C SER F 114 32.90 5.23 10.27
N THR F 115 33.04 6.48 10.70
CA THR F 115 34.17 6.85 11.57
C THR F 115 34.06 6.19 12.94
N THR F 116 32.88 6.16 13.53
CA THR F 116 32.71 5.65 14.88
C THR F 116 31.71 4.49 14.92
N TYR F 117 31.85 3.55 13.99
CA TYR F 117 30.98 2.38 13.99
C TYR F 117 31.20 1.57 15.27
N ALA F 118 30.11 1.00 15.80
CA ALA F 118 30.17 0.34 17.09
C ALA F 118 30.68 -1.09 16.98
N TYR F 119 30.06 -1.90 16.11
CA TYR F 119 30.42 -3.31 15.98
C TYR F 119 31.58 -3.49 14.99
N ARG F 120 32.71 -2.90 15.35
CA ARG F 120 33.93 -3.00 14.56
C ARG F 120 35.09 -3.32 15.49
N GLY F 121 36.07 -4.04 14.96
CA GLY F 121 37.25 -4.36 15.74
C GLY F 121 38.13 -3.14 15.92
N GLN F 122 39.17 -3.32 16.74
CA GLN F 122 40.07 -2.23 17.06
C GLN F 122 41.24 -2.13 16.09
N GLY F 123 41.35 -3.06 15.15
CA GLY F 123 42.25 -2.91 14.02
C GLY F 123 43.61 -3.55 14.25
N THR F 124 44.22 -4.02 13.16
CA THR F 124 45.57 -4.54 13.17
C THR F 124 46.36 -3.86 12.06
N GLN F 125 47.61 -3.50 12.34
CA GLN F 125 48.43 -2.77 11.40
C GLN F 125 49.11 -3.74 10.44
N VAL F 126 49.08 -3.42 9.15
CA VAL F 126 49.78 -4.18 8.13
C VAL F 126 50.63 -3.21 7.33
N THR F 127 51.94 -3.42 7.36
CA THR F 127 52.89 -2.54 6.70
C THR F 127 53.66 -3.31 5.63
N VAL F 128 53.79 -2.71 4.46
CA VAL F 128 54.48 -3.35 3.35
C VAL F 128 55.69 -2.53 2.92
#